data_9JDB
#
_entry.id   9JDB
#
_cell.length_a   1.00
_cell.length_b   1.00
_cell.length_c   1.00
_cell.angle_alpha   90.00
_cell.angle_beta   90.00
_cell.angle_gamma   90.00
#
_symmetry.space_group_name_H-M   'P 1'
#
loop_
_entity.id
_entity.type
_entity.pdbx_description
1 polymer 'Catalase easC'
2 non-polymer 'PROTOPORPHYRIN IX CONTAINING FE'
#
_entity_poly.entity_id   1
_entity_poly.type   'polypeptide(L)'
_entity_poly.pdbx_seq_one_letter_code
;MASQVSLTAQGSGLSAPLNGPEHLTSTTVENDPRLLDILSRFNREKIPERAVHARGAGAYGEFEVTHDVSDICDIDMLLG
IGKKTPCAVRFSTTALERGSAESVRDVKGMAIKLFTGDGEWDWVCLNIPMFFIRDPSKFPDLVHAQRPDPATNLANPAAW
WEFVCNNHESLHMAVFLFTDFGTMFDYRSMSGYVSHAYKWVMPDGTWKYVHWFLASDQGPNFEQGNQTREAAPNDSESAT
RDLYQSLERGECPSWTVKVQVIDPEDAPRLAFNILDVSKHWNLGNYPPDIPVIPERCVGKLTLKKGPENYFEEIEKLAFS
PSHLVHGVEPSEDPMLQARLFAYPDAQEHRLGPQFSDMAAKRTGHAANDAPKTKKPAVPLQKQSREHAEWVSQVTSSSWS
QPNETDYKFPRELWAALPRLRGEEFQNRLVVNMAESVSQIPEDLRQKVYKTLALVAEDLASRVESLTEEMVVPEQRPRL
;
_entity_poly.pdbx_strand_id   A,B
#
loop_
_chem_comp.id
_chem_comp.type
_chem_comp.name
_chem_comp.formula
HEM non-polymer 'PROTOPORPHYRIN IX CONTAINING FE' 'C34 H32 Fe N4 O4'
#
# COMPACT_ATOMS: atom_id res chain seq x y z
N ASP A 32 9.78 -5.75 32.73
CA ASP A 32 8.32 -5.75 32.64
C ASP A 32 7.84 -6.75 31.61
N PRO A 33 7.47 -7.96 32.06
CA PRO A 33 6.94 -8.96 31.13
C PRO A 33 5.67 -8.52 30.43
N ARG A 34 4.83 -7.72 31.09
CA ARG A 34 3.59 -7.27 30.48
C ARG A 34 3.85 -6.38 29.27
N LEU A 35 4.80 -5.44 29.39
CA LEU A 35 5.15 -4.58 28.26
C LEU A 35 5.75 -5.39 27.12
N LEU A 36 6.61 -6.36 27.45
CA LEU A 36 7.19 -7.20 26.42
C LEU A 36 6.11 -8.01 25.70
N ASP A 37 5.13 -8.53 26.44
CA ASP A 37 4.04 -9.26 25.82
C ASP A 37 3.22 -8.37 24.91
N ILE A 38 2.93 -7.13 25.35
CA ILE A 38 2.16 -6.20 24.52
C ILE A 38 2.92 -5.90 23.23
N LEU A 39 4.20 -5.59 23.35
CA LEU A 39 4.99 -5.23 22.17
C LEU A 39 5.16 -6.42 21.24
N SER A 40 5.34 -7.63 21.78
CA SER A 40 5.47 -8.82 20.95
C SER A 40 4.17 -9.11 20.19
N ARG A 41 3.02 -8.94 20.85
CA ARG A 41 1.76 -9.14 20.14
C ARG A 41 1.56 -8.07 19.06
N PHE A 42 1.98 -6.83 19.34
CA PHE A 42 1.85 -5.78 18.34
C PHE A 42 2.78 -6.01 17.15
N ASN A 43 3.98 -6.53 17.40
CA ASN A 43 4.99 -6.68 16.36
C ASN A 43 4.64 -7.72 15.30
N ARG A 44 3.66 -8.58 15.54
CA ARG A 44 3.36 -9.69 14.66
C ARG A 44 1.97 -9.58 14.05
N GLU A 45 1.49 -8.36 13.83
CA GLU A 45 0.13 -8.15 13.36
C GLU A 45 -0.01 -8.27 11.84
N LYS A 46 0.94 -7.73 11.08
CA LYS A 46 0.82 -7.65 9.64
C LYS A 46 1.33 -8.92 8.96
N ILE A 47 0.67 -9.26 7.86
CA ILE A 47 0.98 -10.47 7.09
C ILE A 47 1.14 -10.05 5.63
N PRO A 48 1.79 -10.88 4.80
CA PRO A 48 1.97 -10.52 3.39
C PRO A 48 0.63 -10.31 2.70
N GLU A 49 0.64 -9.39 1.74
CA GLU A 49 -0.54 -9.16 0.91
C GLU A 49 -0.51 -10.11 -0.30
N ARG A 50 -1.65 -10.19 -0.98
CA ARG A 50 -1.78 -11.09 -2.11
C ARG A 50 -0.83 -10.68 -3.23
N ALA A 51 -0.38 -11.68 -4.00
CA ALA A 51 0.54 -11.41 -5.10
C ALA A 51 -0.07 -10.48 -6.13
N VAL A 52 -1.34 -10.68 -6.46
CA VAL A 52 -2.09 -9.75 -7.30
C VAL A 52 -3.42 -9.47 -6.61
N HIS A 53 -4.00 -8.32 -6.93
CA HIS A 53 -5.27 -7.87 -6.35
C HIS A 53 -5.17 -7.70 -4.84
N ALA A 54 -4.18 -6.90 -4.41
CA ALA A 54 -3.91 -6.72 -2.99
C ALA A 54 -4.92 -5.82 -2.31
N ARG A 55 -5.41 -4.80 -3.01
CA ARG A 55 -6.32 -3.82 -2.42
C ARG A 55 -7.76 -4.18 -2.77
N GLY A 56 -8.62 -4.22 -1.75
CA GLY A 56 -9.98 -4.65 -2.00
C GLY A 56 -10.95 -4.31 -0.89
N ALA A 57 -12.22 -4.64 -1.14
CA ALA A 57 -13.31 -4.42 -0.21
C ALA A 57 -14.25 -5.61 -0.25
N GLY A 58 -15.03 -5.79 0.83
CA GLY A 58 -15.89 -6.94 0.96
C GLY A 58 -17.30 -6.56 1.40
N ALA A 59 -18.21 -7.51 1.19
CA ALA A 59 -19.60 -7.35 1.58
C ALA A 59 -20.25 -8.74 1.64
N TYR A 60 -21.48 -8.77 2.15
CA TYR A 60 -22.25 -10.01 2.26
C TYR A 60 -23.60 -9.81 1.60
N GLY A 61 -24.17 -10.91 1.13
CA GLY A 61 -25.45 -10.88 0.46
C GLY A 61 -26.07 -12.26 0.37
N GLU A 62 -26.78 -12.50 -0.74
CA GLU A 62 -27.41 -13.79 -0.96
C GLU A 62 -27.70 -13.95 -2.44
N PHE A 63 -27.82 -15.21 -2.87
CA PHE A 63 -28.16 -15.56 -4.24
C PHE A 63 -29.52 -16.27 -4.24
N GLU A 64 -30.37 -15.88 -5.19
CA GLU A 64 -31.72 -16.45 -5.30
C GLU A 64 -31.95 -16.94 -6.73
N VAL A 65 -32.43 -18.17 -6.85
CA VAL A 65 -32.68 -18.78 -8.16
C VAL A 65 -34.05 -18.32 -8.66
N THR A 66 -34.09 -17.80 -9.88
CA THR A 66 -35.32 -17.28 -10.46
C THR A 66 -35.79 -18.02 -11.72
N HIS A 67 -34.95 -18.81 -12.36
CA HIS A 67 -35.29 -19.47 -13.61
C HIS A 67 -35.00 -20.97 -13.50
N ASP A 68 -35.48 -21.71 -14.50
CA ASP A 68 -35.35 -23.16 -14.54
C ASP A 68 -34.20 -23.54 -15.45
N VAL A 69 -33.20 -24.22 -14.89
CA VAL A 69 -32.05 -24.69 -15.66
C VAL A 69 -31.85 -26.18 -15.42
N SER A 70 -32.93 -26.89 -15.07
CA SER A 70 -32.83 -28.29 -14.69
C SER A 70 -32.51 -29.21 -15.86
N ASP A 71 -32.58 -28.72 -17.09
CA ASP A 71 -32.26 -29.54 -18.26
C ASP A 71 -30.79 -29.51 -18.64
N ILE A 72 -29.99 -28.65 -18.00
CA ILE A 72 -28.57 -28.54 -18.34
C ILE A 72 -27.74 -28.62 -17.07
N CYS A 73 -28.39 -28.61 -15.91
CA CYS A 73 -27.70 -28.49 -14.63
C CYS A 73 -28.16 -29.55 -13.65
N ASP A 74 -27.24 -29.98 -12.79
CA ASP A 74 -27.53 -30.87 -11.68
C ASP A 74 -26.93 -30.36 -10.38
N ILE A 75 -26.40 -29.13 -10.36
CA ILE A 75 -25.87 -28.55 -9.15
C ILE A 75 -27.02 -28.21 -8.22
N ASP A 76 -26.92 -28.66 -6.96
CA ASP A 76 -28.04 -28.52 -6.03
C ASP A 76 -28.33 -27.07 -5.68
N MET A 77 -27.32 -26.20 -5.78
CA MET A 77 -27.52 -24.79 -5.45
C MET A 77 -28.47 -24.10 -6.44
N LEU A 78 -28.49 -24.56 -7.68
CA LEU A 78 -29.27 -23.91 -8.74
C LEU A 78 -30.56 -24.66 -9.07
N LEU A 79 -30.93 -25.66 -8.28
CA LEU A 79 -32.13 -26.45 -8.54
C LEU A 79 -33.26 -25.97 -7.63
N GLY A 80 -34.33 -25.45 -8.24
CA GLY A 80 -35.46 -24.95 -7.48
C GLY A 80 -35.57 -23.45 -7.52
N ILE A 81 -36.67 -22.94 -8.09
CA ILE A 81 -36.89 -21.50 -8.17
C ILE A 81 -37.21 -20.96 -6.78
N GLY A 82 -36.58 -19.84 -6.42
CA GLY A 82 -36.73 -19.27 -5.11
C GLY A 82 -35.73 -19.78 -4.08
N LYS A 83 -34.88 -20.73 -4.46
CA LYS A 83 -33.84 -21.21 -3.55
C LYS A 83 -32.87 -20.08 -3.23
N LYS A 84 -32.43 -20.03 -1.98
CA LYS A 84 -31.60 -18.93 -1.51
C LYS A 84 -30.36 -19.48 -0.81
N THR A 85 -29.22 -18.84 -1.07
CA THR A 85 -27.92 -19.31 -0.61
C THR A 85 -27.13 -18.12 -0.07
N PRO A 86 -26.51 -18.24 1.10
CA PRO A 86 -25.66 -17.16 1.62
C PRO A 86 -24.44 -16.95 0.74
N CYS A 87 -23.79 -15.79 0.92
CA CYS A 87 -22.75 -15.37 0.01
C CYS A 87 -21.75 -14.45 0.72
N ALA A 88 -20.61 -14.25 0.08
CA ALA A 88 -19.58 -13.32 0.53
C ALA A 88 -18.75 -12.90 -0.67
N VAL A 89 -18.54 -11.59 -0.83
CA VAL A 89 -17.90 -11.05 -2.02
C VAL A 89 -16.67 -10.25 -1.61
N ARG A 90 -15.68 -10.22 -2.50
CA ARG A 90 -14.48 -9.39 -2.31
C ARG A 90 -14.14 -8.73 -3.65
N PHE A 91 -14.38 -7.43 -3.75
CA PHE A 91 -13.94 -6.64 -4.90
C PHE A 91 -12.50 -6.21 -4.72
N SER A 92 -11.85 -5.83 -5.81
CA SER A 92 -10.42 -5.51 -5.76
C SER A 92 -9.98 -4.82 -7.05
N THR A 93 -8.77 -4.25 -6.99
CA THR A 93 -8.04 -3.78 -8.17
C THR A 93 -6.97 -4.82 -8.52
N THR A 94 -6.06 -4.49 -9.44
CA THR A 94 -5.23 -5.53 -10.04
C THR A 94 -3.74 -5.39 -9.72
N ALA A 95 -3.10 -4.27 -10.04
CA ALA A 95 -1.66 -4.26 -10.23
C ALA A 95 -0.87 -3.54 -9.14
N LEU A 96 -1.50 -2.75 -8.29
CA LEU A 96 -0.77 -1.98 -7.30
C LEU A 96 -0.94 -2.60 -5.91
N GLU A 97 -0.38 -1.94 -4.90
CA GLU A 97 -0.27 -2.49 -3.56
C GLU A 97 -1.55 -2.23 -2.76
N ARG A 98 -1.48 -2.50 -1.44
CA ARG A 98 -2.67 -2.44 -0.60
C ARG A 98 -3.20 -1.02 -0.47
N GLY A 99 -2.33 -0.05 -0.24
CA GLY A 99 -2.73 1.31 0.02
C GLY A 99 -2.87 2.21 -1.19
N SER A 100 -2.82 1.64 -2.39
CA SER A 100 -2.82 2.42 -3.61
C SER A 100 -4.23 2.91 -3.95
N ALA A 101 -4.34 3.65 -5.05
CA ALA A 101 -5.61 4.22 -5.46
C ALA A 101 -6.45 3.21 -6.22
N GLU A 102 -7.74 3.54 -6.37
CA GLU A 102 -8.69 2.68 -7.07
C GLU A 102 -9.27 3.32 -8.32
N SER A 103 -8.95 4.58 -8.59
CA SER A 103 -9.45 5.27 -9.78
C SER A 103 -8.43 5.28 -10.92
N VAL A 104 -7.36 4.49 -10.79
CA VAL A 104 -6.35 4.38 -11.85
C VAL A 104 -6.90 3.47 -12.95
N ARG A 105 -6.24 3.47 -14.11
CA ARG A 105 -6.60 2.57 -15.20
C ARG A 105 -6.10 1.17 -14.87
N ASP A 106 -7.03 0.24 -14.70
CA ASP A 106 -6.67 -1.11 -14.27
C ASP A 106 -7.87 -2.03 -14.52
N VAL A 107 -7.67 -3.31 -14.22
CA VAL A 107 -8.74 -4.31 -14.24
C VAL A 107 -9.22 -4.50 -12.81
N LYS A 108 -10.52 -4.73 -12.66
CA LYS A 108 -11.13 -4.92 -11.36
C LYS A 108 -11.64 -6.34 -11.22
N GLY A 109 -11.45 -6.92 -10.05
CA GLY A 109 -11.88 -8.29 -9.79
C GLY A 109 -13.04 -8.37 -8.82
N MET A 110 -13.77 -9.48 -8.86
CA MET A 110 -14.91 -9.68 -7.97
C MET A 110 -14.98 -11.17 -7.68
N ALA A 111 -14.70 -11.56 -6.44
CA ALA A 111 -14.64 -12.96 -6.04
C ALA A 111 -15.83 -13.27 -5.14
N ILE A 112 -16.63 -14.25 -5.53
CA ILE A 112 -17.87 -14.60 -4.85
C ILE A 112 -17.71 -15.97 -4.24
N LYS A 113 -17.98 -16.08 -2.94
CA LYS A 113 -17.95 -17.35 -2.21
C LYS A 113 -19.36 -17.69 -1.76
N LEU A 114 -19.81 -18.90 -2.12
CA LEU A 114 -21.18 -19.33 -1.85
C LEU A 114 -21.15 -20.55 -0.94
N PHE A 115 -21.96 -20.51 0.11
CA PHE A 115 -22.01 -21.58 1.12
C PHE A 115 -23.25 -22.43 0.85
N THR A 116 -23.06 -23.54 0.15
CA THR A 116 -24.13 -24.40 -0.28
C THR A 116 -24.25 -25.61 0.65
N GLY A 117 -25.10 -26.57 0.29
CA GLY A 117 -25.24 -27.80 1.04
C GLY A 117 -24.19 -28.85 0.75
N ASP A 118 -23.29 -28.60 -0.19
CA ASP A 118 -22.21 -29.53 -0.51
C ASP A 118 -20.84 -28.95 -0.30
N GLY A 119 -20.74 -27.70 0.17
CA GLY A 119 -19.48 -27.03 0.38
C GLY A 119 -19.43 -25.70 -0.33
N GLU A 120 -18.34 -24.98 -0.11
CA GLU A 120 -18.15 -23.67 -0.72
C GLU A 120 -17.87 -23.82 -2.21
N TRP A 121 -18.47 -22.92 -3.00
CA TRP A 121 -18.26 -22.87 -4.44
C TRP A 121 -17.88 -21.44 -4.80
N ASP A 122 -16.69 -21.26 -5.36
CA ASP A 122 -16.11 -19.93 -5.58
C ASP A 122 -16.21 -19.53 -7.04
N TRP A 123 -16.54 -18.26 -7.27
CA TRP A 123 -16.55 -17.66 -8.60
C TRP A 123 -15.56 -16.51 -8.60
N VAL A 124 -14.36 -16.75 -9.12
CA VAL A 124 -13.32 -15.72 -9.21
C VAL A 124 -13.43 -15.08 -10.58
N CYS A 125 -13.85 -13.81 -10.60
CA CYS A 125 -14.26 -13.14 -11.83
C CYS A 125 -13.45 -11.89 -12.08
N LEU A 126 -13.52 -11.42 -13.32
CA LEU A 126 -12.93 -10.15 -13.75
C LEU A 126 -14.02 -9.30 -14.39
N ASN A 127 -13.75 -8.01 -14.51
CA ASN A 127 -14.71 -7.09 -15.11
C ASN A 127 -14.51 -6.91 -16.60
N ILE A 128 -13.60 -7.65 -17.21
CA ILE A 128 -13.34 -7.60 -18.64
C ILE A 128 -13.53 -9.01 -19.20
N PRO A 129 -14.19 -9.16 -20.37
CA PRO A 129 -14.55 -10.51 -20.84
C PRO A 129 -13.37 -11.41 -21.19
N MET A 130 -12.15 -10.90 -21.31
CA MET A 130 -11.01 -11.72 -21.69
C MET A 130 -9.81 -11.36 -20.82
N PHE A 131 -8.68 -12.04 -21.08
CA PHE A 131 -7.47 -11.89 -20.30
C PHE A 131 -6.29 -11.57 -21.23
N PHE A 132 -5.18 -11.14 -20.61
CA PHE A 132 -4.03 -10.68 -21.38
C PHE A 132 -3.40 -11.81 -22.19
N ILE A 133 -3.06 -12.91 -21.53
CA ILE A 133 -2.24 -13.94 -22.16
C ILE A 133 -3.01 -15.24 -22.29
N ARG A 134 -2.38 -16.21 -22.94
CA ARG A 134 -2.96 -17.52 -23.17
C ARG A 134 -2.10 -18.66 -22.66
N ASP A 135 -0.79 -18.46 -22.51
CA ASP A 135 0.12 -19.46 -21.97
C ASP A 135 0.41 -19.14 -20.51
N PRO A 136 0.15 -20.06 -19.58
CA PRO A 136 0.33 -19.74 -18.15
C PRO A 136 1.78 -19.48 -17.76
N SER A 137 2.75 -19.90 -18.55
CA SER A 137 4.15 -19.72 -18.21
C SER A 137 4.61 -18.27 -18.33
N LYS A 138 3.81 -17.40 -18.95
CA LYS A 138 4.16 -15.99 -19.11
C LYS A 138 3.54 -15.12 -18.02
N PHE A 139 2.90 -15.70 -17.01
CA PHE A 139 2.22 -14.89 -16.00
C PHE A 139 3.17 -14.02 -15.18
N PRO A 140 4.26 -14.53 -14.61
CA PRO A 140 5.13 -13.65 -13.81
C PRO A 140 5.69 -12.49 -14.60
N ASP A 141 6.00 -12.68 -15.88
CA ASP A 141 6.52 -11.59 -16.69
C ASP A 141 5.48 -10.49 -16.86
N LEU A 142 4.23 -10.86 -17.12
CA LEU A 142 3.16 -9.88 -17.23
C LEU A 142 2.99 -9.13 -15.91
N VAL A 143 2.98 -9.86 -14.80
CA VAL A 143 2.79 -9.22 -13.49
C VAL A 143 3.93 -8.26 -13.19
N HIS A 144 5.17 -8.66 -13.49
CA HIS A 144 6.31 -7.78 -13.25
C HIS A 144 6.28 -6.57 -14.18
N ALA A 145 5.81 -6.75 -15.41
CA ALA A 145 5.68 -5.62 -16.32
C ALA A 145 4.62 -4.64 -15.86
N GLN A 146 3.65 -5.10 -15.08
CA GLN A 146 2.62 -4.21 -14.56
C GLN A 146 2.97 -3.60 -13.20
N ARG A 147 4.06 -4.03 -12.57
CA ARG A 147 4.49 -3.59 -11.24
C ARG A 147 5.41 -2.39 -11.33
N PRO A 148 5.62 -1.67 -10.23
CA PRO A 148 6.50 -0.49 -10.26
C PRO A 148 7.93 -0.83 -10.66
N ASP A 149 8.69 0.23 -10.94
CA ASP A 149 10.05 0.09 -11.43
C ASP A 149 10.90 -0.68 -10.41
N PRO A 150 11.63 -1.72 -10.82
CA PRO A 150 12.37 -2.53 -9.84
C PRO A 150 13.48 -1.79 -9.12
N ALA A 151 13.94 -0.66 -9.63
CA ALA A 151 15.05 0.07 -9.01
C ALA A 151 14.62 1.34 -8.30
N THR A 152 13.67 2.11 -8.85
CA THR A 152 13.25 3.37 -8.26
C THR A 152 11.87 3.29 -7.60
N ASN A 153 11.12 2.21 -7.79
CA ASN A 153 9.78 2.05 -7.24
C ASN A 153 8.82 3.13 -7.76
N LEU A 154 9.02 3.52 -9.02
CA LEU A 154 8.16 4.49 -9.68
C LEU A 154 7.47 3.82 -10.88
N ALA A 155 6.55 4.54 -11.50
CA ALA A 155 5.79 3.99 -12.61
C ALA A 155 6.69 3.74 -13.81
N ASN A 156 6.33 2.72 -14.59
CA ASN A 156 7.13 2.30 -15.74
C ASN A 156 6.22 1.85 -16.88
N PRO A 157 5.91 2.76 -17.82
CA PRO A 157 5.20 2.33 -19.04
C PRO A 157 6.09 1.55 -20.00
N ALA A 158 7.41 1.71 -19.89
CA ALA A 158 8.32 1.07 -20.84
C ALA A 158 8.25 -0.44 -20.76
N ALA A 159 8.18 -0.99 -19.54
CA ALA A 159 8.06 -2.42 -19.37
C ALA A 159 6.76 -2.95 -19.98
N TRP A 160 5.66 -2.22 -19.77
CA TRP A 160 4.37 -2.63 -20.32
C TRP A 160 4.42 -2.66 -21.86
N TRP A 161 5.00 -1.62 -22.47
CA TRP A 161 5.02 -1.59 -23.92
C TRP A 161 6.01 -2.58 -24.51
N GLU A 162 7.13 -2.84 -23.82
CA GLU A 162 8.03 -3.90 -24.26
C GLU A 162 7.35 -5.26 -24.20
N PHE A 163 6.62 -5.54 -23.13
CA PHE A 163 5.89 -6.79 -23.04
C PHE A 163 4.85 -6.91 -24.16
N VAL A 164 4.12 -5.82 -24.43
CA VAL A 164 3.10 -5.87 -25.48
C VAL A 164 3.75 -6.13 -26.83
N CYS A 165 4.85 -5.45 -27.12
CA CYS A 165 5.52 -5.66 -28.40
C CYS A 165 6.16 -7.04 -28.53
N ASN A 166 6.48 -7.69 -27.40
CA ASN A 166 7.02 -9.04 -27.48
C ASN A 166 5.93 -10.12 -27.55
N ASN A 167 4.73 -9.83 -27.06
CA ASN A 167 3.64 -10.80 -26.99
C ASN A 167 2.42 -10.22 -27.71
N HIS A 168 2.11 -10.76 -28.87
CA HIS A 168 1.06 -10.20 -29.72
C HIS A 168 -0.33 -10.70 -29.37
N GLU A 169 -0.46 -11.63 -28.42
CA GLU A 169 -1.78 -12.06 -27.97
C GLU A 169 -2.37 -11.13 -26.92
N SER A 170 -1.59 -10.17 -26.42
CA SER A 170 -2.08 -9.16 -25.48
C SER A 170 -2.58 -7.91 -26.18
N LEU A 171 -2.55 -7.87 -27.51
CA LEU A 171 -2.97 -6.69 -28.24
C LEU A 171 -4.45 -6.41 -28.05
N HIS A 172 -5.27 -7.46 -28.02
CA HIS A 172 -6.71 -7.29 -27.84
C HIS A 172 -7.02 -6.60 -26.51
N MET A 173 -6.45 -7.12 -25.42
CA MET A 173 -6.66 -6.54 -24.11
C MET A 173 -6.06 -5.14 -24.02
N ALA A 174 -4.90 -4.91 -24.65
CA ALA A 174 -4.28 -3.60 -24.61
C ALA A 174 -5.14 -2.56 -25.30
N VAL A 175 -5.71 -2.89 -26.47
CA VAL A 175 -6.59 -1.97 -27.17
C VAL A 175 -7.87 -1.76 -26.36
N PHE A 176 -8.39 -2.82 -25.74
CA PHE A 176 -9.60 -2.69 -24.94
C PHE A 176 -9.39 -1.78 -23.73
N LEU A 177 -8.24 -1.90 -23.06
CA LEU A 177 -8.01 -1.22 -21.81
C LEU A 177 -7.73 0.26 -21.96
N PHE A 178 -7.36 0.72 -23.16
CA PHE A 178 -7.07 2.13 -23.39
C PHE A 178 -8.28 2.90 -23.89
N THR A 179 -9.44 2.26 -23.97
CA THR A 179 -10.70 2.96 -24.20
C THR A 179 -11.19 3.49 -22.86
N ASP A 180 -12.44 3.97 -22.83
CA ASP A 180 -13.00 4.45 -21.57
C ASP A 180 -13.29 3.31 -20.60
N PHE A 181 -13.37 2.07 -21.08
CA PHE A 181 -13.67 0.94 -20.22
C PHE A 181 -12.61 0.72 -19.15
N GLY A 182 -11.39 1.24 -19.35
CA GLY A 182 -10.34 1.06 -18.36
C GLY A 182 -10.37 2.03 -17.21
N THR A 183 -11.24 3.05 -17.26
CA THR A 183 -11.34 4.05 -16.21
C THR A 183 -12.79 4.43 -15.93
N MET A 184 -13.72 3.48 -16.06
CA MET A 184 -15.14 3.79 -16.10
C MET A 184 -15.94 3.20 -14.94
N PHE A 185 -15.56 2.04 -14.42
CA PHE A 185 -16.37 1.30 -13.46
C PHE A 185 -15.92 1.56 -12.03
N ASP A 186 -16.87 1.49 -11.11
CA ASP A 186 -16.61 1.31 -9.69
C ASP A 186 -17.12 -0.07 -9.28
N TYR A 187 -17.08 -0.35 -7.98
CA TYR A 187 -17.43 -1.69 -7.52
C TYR A 187 -18.90 -2.03 -7.73
N ARG A 188 -19.76 -1.04 -7.93
CA ARG A 188 -21.19 -1.28 -8.09
C ARG A 188 -21.63 -1.30 -9.54
N SER A 189 -20.95 -0.55 -10.41
CA SER A 189 -21.29 -0.50 -11.83
C SER A 189 -20.51 -1.49 -12.67
N MET A 190 -19.56 -2.21 -12.09
CA MET A 190 -18.77 -3.18 -12.84
C MET A 190 -19.50 -4.50 -12.96
N SER A 191 -19.17 -5.25 -14.00
CA SER A 191 -19.69 -6.59 -14.24
C SER A 191 -18.60 -7.62 -13.92
N GLY A 192 -18.97 -8.89 -14.02
CA GLY A 192 -18.04 -9.96 -13.69
C GLY A 192 -18.14 -11.17 -14.58
N TYR A 193 -17.03 -11.57 -15.18
CA TYR A 193 -16.97 -12.73 -16.08
C TYR A 193 -15.98 -13.74 -15.52
N VAL A 194 -16.36 -15.02 -15.54
CA VAL A 194 -15.42 -16.05 -15.11
C VAL A 194 -14.35 -16.33 -16.16
N SER A 195 -14.64 -16.02 -17.43
CA SER A 195 -13.65 -15.94 -18.50
C SER A 195 -13.13 -17.29 -18.97
N HIS A 196 -13.48 -18.37 -18.27
CA HIS A 196 -13.02 -19.69 -18.62
C HIS A 196 -14.19 -20.50 -19.18
N ALA A 197 -13.93 -21.78 -19.43
CA ALA A 197 -14.97 -22.75 -19.74
C ALA A 197 -14.98 -23.81 -18.65
N TYR A 198 -16.17 -24.23 -18.25
CA TYR A 198 -16.34 -25.29 -17.27
C TYR A 198 -17.24 -26.36 -17.86
N LYS A 199 -17.34 -27.48 -17.16
CA LYS A 199 -18.16 -28.61 -17.59
C LYS A 199 -19.28 -28.80 -16.59
N TRP A 200 -20.52 -28.85 -17.09
CA TRP A 200 -21.70 -29.10 -16.28
C TRP A 200 -22.21 -30.49 -16.63
N VAL A 201 -22.09 -31.41 -15.69
CA VAL A 201 -22.33 -32.83 -15.93
C VAL A 201 -23.72 -33.20 -15.45
N MET A 202 -24.49 -33.86 -16.31
CA MET A 202 -25.77 -34.42 -15.95
C MET A 202 -25.60 -35.79 -15.32
N PRO A 203 -26.59 -36.27 -14.56
CA PRO A 203 -26.45 -37.58 -13.90
C PRO A 203 -26.30 -38.75 -14.86
N ASP A 204 -26.68 -38.60 -16.13
CA ASP A 204 -26.54 -39.68 -17.09
C ASP A 204 -25.16 -39.73 -17.73
N GLY A 205 -24.26 -38.82 -17.37
CA GLY A 205 -22.91 -38.82 -17.88
C GLY A 205 -22.63 -37.78 -18.96
N THR A 206 -23.66 -37.16 -19.52
CA THR A 206 -23.46 -36.14 -20.54
C THR A 206 -23.02 -34.82 -19.89
N TRP A 207 -22.56 -33.90 -20.72
CA TRP A 207 -22.07 -32.61 -20.22
C TRP A 207 -22.00 -31.62 -21.37
N LYS A 208 -21.82 -30.34 -21.01
CA LYS A 208 -21.67 -29.26 -21.97
C LYS A 208 -20.65 -28.26 -21.45
N TYR A 209 -20.09 -27.49 -22.37
CA TYR A 209 -19.20 -26.38 -22.01
C TYR A 209 -20.03 -25.15 -21.67
N VAL A 210 -19.75 -24.53 -20.52
CA VAL A 210 -20.53 -23.40 -20.06
C VAL A 210 -19.61 -22.24 -19.69
N HIS A 211 -20.18 -21.04 -19.68
CA HIS A 211 -19.49 -19.83 -19.25
C HIS A 211 -20.53 -18.86 -18.74
N TRP A 212 -20.49 -18.55 -17.44
CA TRP A 212 -21.48 -17.68 -16.82
C TRP A 212 -20.85 -16.35 -16.42
N PHE A 213 -21.70 -15.37 -16.15
CA PHE A 213 -21.24 -14.03 -15.79
C PHE A 213 -22.36 -13.31 -15.05
N LEU A 214 -22.01 -12.18 -14.44
CA LEU A 214 -22.95 -11.36 -13.68
C LEU A 214 -23.05 -9.98 -14.30
N ALA A 215 -24.27 -9.55 -14.59
CA ALA A 215 -24.53 -8.25 -15.18
C ALA A 215 -25.02 -7.27 -14.11
N SER A 216 -24.36 -6.13 -14.00
CA SER A 216 -24.68 -5.16 -12.97
C SER A 216 -26.06 -4.56 -13.20
N ASP A 217 -26.88 -4.51 -12.15
CA ASP A 217 -28.20 -3.91 -12.22
C ASP A 217 -28.17 -2.40 -12.03
N GLN A 218 -27.03 -1.83 -11.66
CA GLN A 218 -26.93 -0.40 -11.36
C GLN A 218 -25.68 0.19 -11.98
N GLY A 219 -25.41 -0.16 -13.24
CA GLY A 219 -24.26 0.37 -13.92
C GLY A 219 -24.25 0.08 -15.41
N PRO A 220 -23.27 0.65 -16.12
CA PRO A 220 -23.09 0.43 -17.56
C PRO A 220 -22.59 -0.98 -17.88
N ASP A 235 -8.10 11.15 -3.44
CA ASP A 235 -8.86 10.08 -2.80
C ASP A 235 -8.49 8.71 -3.37
N SER A 236 -7.96 7.84 -2.51
CA SER A 236 -7.59 6.49 -2.88
C SER A 236 -8.64 5.46 -2.48
N GLU A 237 -9.80 5.89 -2.01
CA GLU A 237 -10.84 4.97 -1.54
C GLU A 237 -12.21 5.43 -2.02
N SER A 238 -12.31 5.84 -3.29
CA SER A 238 -13.58 6.33 -3.81
C SER A 238 -14.57 5.20 -4.02
N ALA A 239 -14.13 4.09 -4.61
CA ALA A 239 -15.03 2.95 -4.83
C ALA A 239 -15.43 2.31 -3.52
N THR A 240 -14.47 2.16 -2.60
CA THR A 240 -14.77 1.58 -1.29
C THR A 240 -15.79 2.44 -0.54
N ARG A 241 -15.58 3.76 -0.54
CA ARG A 241 -16.52 4.66 0.12
C ARG A 241 -17.89 4.62 -0.55
N ASP A 242 -17.91 4.57 -1.87
CA ASP A 242 -19.18 4.50 -2.60
C ASP A 242 -19.96 3.25 -2.21
N LEU A 243 -19.29 2.09 -2.21
CA LEU A 243 -19.98 0.84 -1.88
C LEU A 243 -20.50 0.86 -0.44
N TYR A 244 -19.68 1.33 0.51
CA TYR A 244 -20.12 1.30 1.90
C TYR A 244 -21.22 2.33 2.16
N GLN A 245 -21.18 3.48 1.50
CA GLN A 245 -22.25 4.45 1.65
C GLN A 245 -23.56 3.93 1.05
N SER A 246 -23.48 3.25 -0.10
CA SER A 246 -24.68 2.65 -0.66
C SER A 246 -25.26 1.59 0.26
N LEU A 247 -24.38 0.77 0.87
CA LEU A 247 -24.86 -0.22 1.83
C LEU A 247 -25.39 0.40 3.11
N GLU A 248 -24.97 1.63 3.44
CA GLU A 248 -25.42 2.29 4.66
C GLU A 248 -26.78 2.97 4.52
N ARG A 249 -27.28 3.16 3.30
CA ARG A 249 -28.56 3.84 3.09
C ARG A 249 -29.69 2.88 2.72
N GLY A 250 -29.49 1.58 2.88
CA GLY A 250 -30.54 0.62 2.63
C GLY A 250 -30.74 0.25 1.18
N GLU A 251 -29.92 0.76 0.27
CA GLU A 251 -30.00 0.40 -1.14
C GLU A 251 -29.11 -0.82 -1.36
N CYS A 252 -29.73 -1.95 -1.73
CA CYS A 252 -29.00 -3.20 -1.87
C CYS A 252 -28.63 -3.41 -3.34
N PRO A 253 -27.35 -3.38 -3.70
CA PRO A 253 -26.98 -3.64 -5.10
C PRO A 253 -27.33 -5.06 -5.50
N SER A 254 -27.62 -5.24 -6.79
CA SER A 254 -28.01 -6.54 -7.31
C SER A 254 -27.29 -6.81 -8.63
N TRP A 255 -27.12 -8.10 -8.94
CA TRP A 255 -26.51 -8.54 -10.19
C TRP A 255 -27.35 -9.65 -10.80
N THR A 256 -27.36 -9.70 -12.14
CA THR A 256 -28.06 -10.73 -12.89
C THR A 256 -27.06 -11.75 -13.40
N VAL A 257 -27.34 -13.03 -13.19
CA VAL A 257 -26.45 -14.12 -13.56
C VAL A 257 -27.00 -14.81 -14.81
N LYS A 258 -26.16 -14.92 -15.83
CA LYS A 258 -26.52 -15.57 -17.09
C LYS A 258 -25.47 -16.62 -17.42
N VAL A 259 -25.86 -17.59 -18.25
CA VAL A 259 -24.98 -18.68 -18.65
C VAL A 259 -25.05 -18.86 -20.16
N GLN A 260 -23.91 -19.18 -20.77
CA GLN A 260 -23.83 -19.52 -22.18
C GLN A 260 -23.36 -20.97 -22.31
N VAL A 261 -24.06 -21.75 -23.13
CA VAL A 261 -23.87 -23.19 -23.23
C VAL A 261 -23.40 -23.53 -24.63
N ILE A 262 -22.36 -24.36 -24.73
CA ILE A 262 -21.82 -24.82 -26.00
C ILE A 262 -21.71 -26.35 -25.96
N ASP A 263 -22.29 -26.99 -26.97
CA ASP A 263 -22.22 -28.44 -27.06
C ASP A 263 -20.79 -28.89 -27.37
N PRO A 264 -20.34 -30.00 -26.78
CA PRO A 264 -18.96 -30.46 -27.06
C PRO A 264 -18.70 -30.77 -28.52
N GLU A 265 -19.68 -31.28 -29.25
CA GLU A 265 -19.46 -31.65 -30.65
C GLU A 265 -19.50 -30.47 -31.61
N ASP A 266 -20.02 -29.32 -31.18
CA ASP A 266 -20.00 -28.12 -32.00
C ASP A 266 -18.82 -27.22 -31.70
N ALA A 267 -18.12 -27.44 -30.60
CA ALA A 267 -16.95 -26.63 -30.26
C ALA A 267 -15.83 -26.73 -31.31
N PRO A 268 -15.45 -27.92 -31.80
CA PRO A 268 -14.34 -27.97 -32.77
C PRO A 268 -14.62 -27.24 -34.09
N ARG A 269 -15.89 -27.01 -34.43
CA ARG A 269 -16.24 -26.40 -35.71
C ARG A 269 -16.53 -24.90 -35.60
N LEU A 270 -16.18 -24.28 -34.48
CA LEU A 270 -16.39 -22.85 -34.32
C LEU A 270 -15.25 -22.06 -34.96
N ALA A 271 -15.48 -20.76 -35.13
CA ALA A 271 -14.49 -19.90 -35.76
C ALA A 271 -13.42 -19.42 -34.78
N PHE A 272 -13.55 -19.70 -33.48
CA PHE A 272 -12.56 -19.31 -32.50
C PHE A 272 -12.44 -20.41 -31.46
N ASN A 273 -11.28 -20.46 -30.81
CA ASN A 273 -11.02 -21.43 -29.75
C ASN A 273 -11.71 -20.97 -28.47
N ILE A 274 -12.69 -21.75 -28.00
CA ILE A 274 -13.34 -21.43 -26.74
C ILE A 274 -12.48 -21.78 -25.54
N LEU A 275 -11.39 -22.50 -25.75
CA LEU A 275 -10.43 -22.80 -24.68
C LEU A 275 -9.33 -21.75 -24.59
N ASP A 276 -9.37 -20.72 -25.42
CA ASP A 276 -8.37 -19.65 -25.41
C ASP A 276 -8.93 -18.50 -24.58
N VAL A 277 -8.34 -18.27 -23.41
CA VAL A 277 -8.90 -17.30 -22.48
C VAL A 277 -8.69 -15.87 -22.94
N SER A 278 -7.81 -15.63 -23.91
CA SER A 278 -7.60 -14.28 -24.41
C SER A 278 -8.67 -13.84 -25.40
N LYS A 279 -9.58 -14.74 -25.79
CA LYS A 279 -10.72 -14.41 -26.64
C LYS A 279 -11.99 -14.44 -25.80
N HIS A 280 -13.06 -13.90 -26.36
CA HIS A 280 -14.34 -13.79 -25.66
C HIS A 280 -15.45 -14.41 -26.50
N TRP A 281 -16.46 -14.91 -25.81
CA TRP A 281 -17.63 -15.47 -26.47
C TRP A 281 -18.53 -14.32 -26.92
N ASN A 282 -18.73 -14.20 -28.23
CA ASN A 282 -19.42 -13.04 -28.77
C ASN A 282 -20.89 -13.06 -28.38
N LEU A 283 -21.36 -11.95 -27.81
CA LEU A 283 -22.75 -11.78 -27.44
C LEU A 283 -23.51 -10.81 -28.34
N GLY A 284 -22.83 -10.21 -29.31
CA GLY A 284 -23.53 -9.35 -30.25
C GLY A 284 -22.84 -8.04 -30.62
N ASN A 285 -21.60 -7.83 -30.15
CA ASN A 285 -20.89 -6.59 -30.47
C ASN A 285 -19.87 -6.78 -31.58
N TYR A 286 -18.90 -7.66 -31.39
CA TYR A 286 -17.85 -7.89 -32.37
C TYR A 286 -17.19 -9.23 -32.08
N PRO A 287 -16.58 -9.87 -33.09
CA PRO A 287 -16.57 -9.50 -34.51
C PRO A 287 -17.87 -9.84 -35.22
N PRO A 288 -18.23 -9.07 -36.25
CA PRO A 288 -19.51 -9.32 -36.95
C PRO A 288 -19.61 -10.69 -37.61
N ASP A 289 -18.49 -11.24 -38.08
CA ASP A 289 -18.53 -12.49 -38.84
C ASP A 289 -18.55 -13.74 -37.97
N ILE A 290 -18.48 -13.59 -36.65
CA ILE A 290 -18.54 -14.72 -35.72
C ILE A 290 -19.96 -14.79 -35.15
N PRO A 291 -20.64 -15.94 -35.26
CA PRO A 291 -22.03 -16.02 -34.79
C PRO A 291 -22.13 -15.83 -33.28
N VAL A 292 -23.29 -15.34 -32.85
CA VAL A 292 -23.55 -15.02 -31.45
C VAL A 292 -23.91 -16.30 -30.69
N ILE A 293 -23.34 -16.45 -29.50
CA ILE A 293 -23.66 -17.56 -28.61
C ILE A 293 -24.74 -17.09 -27.64
N PRO A 294 -25.94 -17.68 -27.65
CA PRO A 294 -27.03 -17.17 -26.82
C PRO A 294 -26.82 -17.47 -25.34
N GLU A 295 -27.65 -16.84 -24.53
CA GLU A 295 -27.56 -16.92 -23.07
C GLU A 295 -28.93 -17.18 -22.46
N ARG A 296 -28.92 -17.78 -21.27
CA ARG A 296 -30.10 -17.98 -20.45
C ARG A 296 -29.91 -17.30 -19.11
N CYS A 297 -31.00 -17.13 -18.37
CA CYS A 297 -30.97 -16.51 -17.06
C CYS A 297 -31.03 -17.58 -15.98
N VAL A 298 -30.32 -17.34 -14.87
CA VAL A 298 -30.23 -18.32 -13.79
C VAL A 298 -30.86 -17.77 -12.52
N GLY A 299 -30.33 -16.67 -12.01
CA GLY A 299 -30.80 -16.10 -10.77
C GLY A 299 -30.40 -14.66 -10.61
N LYS A 300 -30.19 -14.24 -9.36
CA LYS A 300 -29.80 -12.87 -9.05
C LYS A 300 -29.03 -12.85 -7.74
N LEU A 301 -28.00 -12.02 -7.68
CA LEU A 301 -27.17 -11.85 -6.50
C LEU A 301 -27.33 -10.43 -5.98
N THR A 302 -27.66 -10.30 -4.69
CA THR A 302 -27.86 -8.99 -4.07
C THR A 302 -27.07 -8.91 -2.77
N LEU A 303 -26.52 -7.73 -2.48
CA LEU A 303 -25.63 -7.52 -1.35
C LEU A 303 -26.32 -6.66 -0.29
N LYS A 304 -26.12 -7.02 0.98
CA LYS A 304 -26.81 -6.37 2.08
C LYS A 304 -25.88 -5.67 3.05
N LYS A 305 -24.88 -6.36 3.58
CA LYS A 305 -24.22 -5.95 4.82
C LYS A 305 -22.71 -6.00 4.64
N GLY A 306 -22.02 -4.99 5.18
CA GLY A 306 -20.58 -4.89 5.06
C GLY A 306 -19.85 -5.77 6.05
N PRO A 307 -18.53 -5.59 6.19
CA PRO A 307 -17.80 -6.32 7.22
C PRO A 307 -17.83 -5.61 8.56
N GLU A 308 -17.64 -6.40 9.62
CA GLU A 308 -17.50 -5.87 10.97
C GLU A 308 -16.03 -5.74 11.38
N ASN A 309 -15.19 -6.68 10.97
CA ASN A 309 -13.74 -6.58 11.10
C ASN A 309 -13.15 -6.87 9.73
N TYR A 310 -12.59 -5.84 9.08
CA TYR A 310 -12.11 -5.99 7.72
C TYR A 310 -10.98 -7.01 7.63
N PHE A 311 -9.99 -6.89 8.52
CA PHE A 311 -8.81 -7.74 8.42
C PHE A 311 -9.16 -9.21 8.62
N GLU A 312 -10.01 -9.50 9.61
CA GLU A 312 -10.31 -10.90 9.92
C GLU A 312 -11.28 -11.53 8.93
N GLU A 313 -12.23 -10.77 8.41
CA GLU A 313 -13.30 -11.33 7.61
C GLU A 313 -13.11 -11.18 6.10
N ILE A 314 -12.35 -10.19 5.65
CA ILE A 314 -12.19 -9.88 4.24
C ILE A 314 -10.76 -10.11 3.77
N GLU A 315 -9.79 -9.55 4.50
CA GLU A 315 -8.39 -9.66 4.08
C GLU A 315 -7.91 -11.11 4.14
N LYS A 316 -8.33 -11.86 5.15
CA LYS A 316 -7.90 -13.24 5.33
C LYS A 316 -8.80 -14.24 4.63
N LEU A 317 -9.70 -13.78 3.76
CA LEU A 317 -10.50 -14.68 2.94
C LEU A 317 -9.63 -15.35 1.90
N ALA A 318 -9.89 -16.62 1.64
CA ALA A 318 -9.11 -17.41 0.69
C ALA A 318 -10.02 -17.92 -0.42
N PHE A 319 -9.77 -17.47 -1.64
CA PHE A 319 -10.52 -17.89 -2.82
C PHE A 319 -9.64 -18.74 -3.72
N SER A 320 -10.28 -19.65 -4.45
CA SER A 320 -9.58 -20.53 -5.38
C SER A 320 -10.58 -21.15 -6.34
N PRO A 321 -10.27 -21.17 -7.64
CA PRO A 321 -11.18 -21.85 -8.59
C PRO A 321 -11.31 -23.35 -8.34
N SER A 322 -10.39 -23.94 -7.58
CA SER A 322 -10.47 -25.35 -7.22
C SER A 322 -11.61 -25.66 -6.25
N HIS A 323 -12.25 -24.64 -5.68
CA HIS A 323 -13.39 -24.84 -4.79
C HIS A 323 -14.62 -25.10 -5.65
N LEU A 324 -14.99 -26.38 -5.78
CA LEU A 324 -16.09 -26.79 -6.62
C LEU A 324 -17.07 -27.63 -5.81
N VAL A 325 -18.21 -27.93 -6.42
CA VAL A 325 -19.25 -28.75 -5.83
C VAL A 325 -19.58 -29.88 -6.79
N HIS A 326 -20.58 -30.68 -6.43
CA HIS A 326 -21.03 -31.74 -7.33
C HIS A 326 -21.73 -31.14 -8.54
N GLY A 327 -21.40 -31.64 -9.72
CA GLY A 327 -22.03 -31.22 -10.94
C GLY A 327 -21.22 -30.27 -11.81
N VAL A 328 -20.08 -29.79 -11.32
CA VAL A 328 -19.22 -28.89 -12.09
C VAL A 328 -17.78 -29.39 -12.00
N GLU A 329 -17.13 -29.50 -13.16
CA GLU A 329 -15.74 -29.89 -13.31
C GLU A 329 -15.03 -28.91 -14.23
N PRO A 330 -13.71 -28.77 -14.09
CA PRO A 330 -12.98 -27.85 -14.96
C PRO A 330 -12.80 -28.40 -16.37
N SER A 331 -12.51 -27.49 -17.29
CA SER A 331 -12.24 -27.83 -18.68
C SER A 331 -10.74 -28.04 -18.88
N GLU A 332 -10.31 -28.11 -20.15
CA GLU A 332 -8.94 -28.41 -20.52
C GLU A 332 -8.09 -27.17 -20.71
N ASP A 333 -8.55 -26.01 -20.26
CA ASP A 333 -7.81 -24.76 -20.38
C ASP A 333 -6.49 -24.85 -19.63
N PRO A 334 -5.35 -24.62 -20.28
CA PRO A 334 -4.07 -24.66 -19.55
C PRO A 334 -3.98 -23.63 -18.43
N MET A 335 -4.54 -22.44 -18.64
CA MET A 335 -4.50 -21.42 -17.60
C MET A 335 -5.37 -21.80 -16.41
N LEU A 336 -6.52 -22.43 -16.67
CA LEU A 336 -7.35 -22.94 -15.58
C LEU A 336 -6.60 -24.02 -14.80
N GLN A 337 -5.88 -24.90 -15.51
CA GLN A 337 -5.12 -25.93 -14.82
C GLN A 337 -4.03 -25.32 -13.96
N ALA A 338 -3.38 -24.27 -14.43
CA ALA A 338 -2.38 -23.58 -13.61
C ALA A 338 -3.03 -22.92 -12.39
N ARG A 339 -4.20 -22.32 -12.56
CA ARG A 339 -4.88 -21.66 -11.46
C ARG A 339 -5.38 -22.66 -10.42
N LEU A 340 -5.69 -23.88 -10.84
CA LEU A 340 -6.13 -24.90 -9.90
C LEU A 340 -5.04 -25.24 -8.89
N PHE A 341 -3.78 -25.07 -9.27
CA PHE A 341 -2.66 -25.31 -8.37
C PHE A 341 -2.20 -24.04 -7.66
N ALA A 342 -2.17 -22.91 -8.37
CA ALA A 342 -1.47 -21.73 -7.87
C ALA A 342 -2.10 -21.17 -6.60
N TYR A 343 -3.43 -21.10 -6.54
CA TYR A 343 -4.09 -20.37 -5.45
C TYR A 343 -3.85 -21.01 -4.09
N PRO A 344 -4.07 -22.31 -3.89
CA PRO A 344 -3.73 -22.90 -2.58
C PRO A 344 -2.26 -22.79 -2.22
N ASP A 345 -1.36 -22.87 -3.21
CA ASP A 345 0.06 -22.70 -2.94
C ASP A 345 0.37 -21.28 -2.46
N ALA A 346 -0.26 -20.29 -3.09
CA ALA A 346 -0.06 -18.90 -2.65
C ALA A 346 -0.62 -18.68 -1.25
N GLN A 347 -1.78 -19.28 -0.95
CA GLN A 347 -2.36 -19.14 0.38
C GLN A 347 -1.56 -19.88 1.44
N GLU A 348 -0.81 -20.91 1.05
CA GLU A 348 0.06 -21.60 2.00
C GLU A 348 1.18 -20.69 2.50
N HIS A 349 1.58 -19.70 1.71
CA HIS A 349 2.61 -18.75 2.10
C HIS A 349 2.05 -17.48 2.70
N ARG A 350 0.97 -16.93 2.12
CA ARG A 350 0.41 -15.69 2.64
C ARG A 350 -0.31 -15.90 3.96
N LEU A 351 -1.04 -17.02 4.10
CA LEU A 351 -1.80 -17.31 5.30
C LEU A 351 -1.24 -18.49 6.09
N GLY A 352 -0.05 -18.94 5.77
CA GLY A 352 0.51 -20.13 6.38
C GLY A 352 0.85 -19.95 7.84
N PRO A 353 1.10 -21.06 8.55
CA PRO A 353 1.29 -21.01 10.00
C PRO A 353 2.57 -20.28 10.41
N GLN A 354 3.30 -19.75 9.43
CA GLN A 354 4.57 -19.10 9.68
C GLN A 354 4.45 -17.58 9.78
N PHE A 355 3.44 -16.98 9.15
CA PHE A 355 3.25 -15.53 9.15
C PHE A 355 4.49 -14.79 8.64
N VAL A 378 -19.54 -39.22 -11.17
CA VAL A 378 -20.12 -39.52 -12.48
C VAL A 378 -19.05 -39.43 -13.56
N PRO A 379 -18.75 -40.56 -14.20
CA PRO A 379 -17.74 -40.55 -15.26
C PRO A 379 -18.29 -39.91 -16.53
N LEU A 380 -17.52 -38.98 -17.09
CA LEU A 380 -17.93 -38.28 -18.29
C LEU A 380 -17.93 -39.22 -19.49
N GLN A 381 -18.83 -38.94 -20.44
CA GLN A 381 -18.87 -39.72 -21.66
C GLN A 381 -17.69 -39.38 -22.56
N LYS A 382 -17.43 -40.27 -23.52
CA LYS A 382 -16.30 -40.13 -24.42
C LYS A 382 -16.78 -39.58 -25.76
N GLN A 383 -15.99 -38.67 -26.34
CA GLN A 383 -16.34 -37.98 -27.56
C GLN A 383 -15.58 -38.57 -28.75
N SER A 384 -15.79 -37.98 -29.92
CA SER A 384 -15.24 -38.49 -31.16
C SER A 384 -13.76 -38.15 -31.27
N ARG A 385 -13.16 -38.51 -32.42
CA ARG A 385 -11.77 -38.20 -32.68
C ARG A 385 -11.55 -36.73 -33.02
N GLU A 386 -12.56 -36.09 -33.63
CA GLU A 386 -12.44 -34.66 -33.94
C GLU A 386 -12.29 -33.83 -32.66
N HIS A 387 -13.06 -34.16 -31.63
CA HIS A 387 -12.94 -33.45 -30.36
C HIS A 387 -11.58 -33.66 -29.74
N ALA A 388 -11.05 -34.88 -29.78
CA ALA A 388 -9.73 -35.15 -29.22
C ALA A 388 -8.65 -34.36 -29.97
N GLU A 389 -8.74 -34.35 -31.30
CA GLU A 389 -7.78 -33.58 -32.09
C GLU A 389 -7.86 -32.09 -31.78
N TRP A 390 -9.08 -31.57 -31.63
CA TRP A 390 -9.24 -30.16 -31.32
C TRP A 390 -8.74 -29.83 -29.91
N VAL A 391 -8.90 -30.74 -28.96
CA VAL A 391 -8.43 -30.51 -27.60
C VAL A 391 -6.91 -30.61 -27.51
N SER A 392 -6.30 -31.46 -28.34
CA SER A 392 -4.85 -31.64 -28.25
C SER A 392 -4.06 -30.39 -28.63
N GLN A 393 -4.72 -29.38 -29.22
CA GLN A 393 -4.01 -28.17 -29.62
C GLN A 393 -3.45 -27.39 -28.44
N VAL A 394 -4.08 -27.50 -27.27
CA VAL A 394 -3.64 -26.71 -26.11
C VAL A 394 -2.28 -27.14 -25.59
N THR A 395 -1.79 -28.31 -25.99
CA THR A 395 -0.45 -28.79 -25.63
C THR A 395 0.33 -29.01 -26.91
N SER A 396 0.95 -27.94 -27.41
CA SER A 396 1.77 -28.01 -28.61
C SER A 396 2.70 -26.82 -28.63
N SER A 397 3.71 -26.88 -29.50
CA SER A 397 4.66 -25.78 -29.61
C SER A 397 4.00 -24.52 -30.17
N SER A 398 2.96 -24.68 -30.99
CA SER A 398 2.30 -23.55 -31.62
C SER A 398 1.33 -22.81 -30.69
N TRP A 399 1.03 -23.37 -29.52
CA TRP A 399 0.09 -22.72 -28.61
C TRP A 399 0.60 -21.37 -28.14
N SER A 400 1.92 -21.23 -27.98
CA SER A 400 2.53 -20.00 -27.49
C SER A 400 2.86 -19.01 -28.61
N GLN A 401 2.64 -19.39 -29.87
CA GLN A 401 2.94 -18.50 -30.99
C GLN A 401 1.66 -17.83 -31.49
N PRO A 402 1.75 -16.61 -32.00
CA PRO A 402 0.55 -15.90 -32.46
C PRO A 402 -0.06 -16.55 -33.69
N ASN A 403 -1.37 -16.35 -33.84
CA ASN A 403 -2.08 -16.77 -35.04
C ASN A 403 -2.83 -15.59 -35.64
N GLU A 404 -3.69 -15.86 -36.62
CA GLU A 404 -4.39 -14.77 -37.31
C GLU A 404 -5.46 -14.13 -36.42
N THR A 405 -6.02 -14.90 -35.49
CA THR A 405 -7.08 -14.36 -34.63
C THR A 405 -6.54 -13.31 -33.66
N ASP A 406 -5.28 -13.43 -33.26
CA ASP A 406 -4.66 -12.45 -32.36
C ASP A 406 -4.62 -11.07 -32.99
N TYR A 407 -4.59 -10.99 -34.32
CA TYR A 407 -4.72 -9.72 -35.02
C TYR A 407 -6.14 -9.44 -35.48
N LYS A 408 -6.96 -10.47 -35.63
CA LYS A 408 -8.33 -10.27 -36.08
C LYS A 408 -9.18 -9.60 -35.01
N PHE A 409 -9.05 -10.04 -33.75
CA PHE A 409 -9.90 -9.49 -32.70
C PHE A 409 -9.68 -8.00 -32.45
N PRO A 410 -8.44 -7.52 -32.22
CA PRO A 410 -8.27 -6.06 -32.02
C PRO A 410 -8.68 -5.26 -33.24
N ARG A 411 -8.44 -5.78 -34.44
CA ARG A 411 -8.82 -5.07 -35.66
C ARG A 411 -10.33 -4.88 -35.73
N GLU A 412 -11.09 -5.94 -35.42
CA GLU A 412 -12.55 -5.82 -35.47
C GLU A 412 -13.07 -4.91 -34.35
N LEU A 413 -12.47 -4.97 -33.17
CA LEU A 413 -12.88 -4.05 -32.10
C LEU A 413 -12.65 -2.60 -32.51
N TRP A 414 -11.48 -2.32 -33.07
CA TRP A 414 -11.18 -0.96 -33.54
C TRP A 414 -12.14 -0.53 -34.63
N ALA A 415 -12.45 -1.43 -35.58
CA ALA A 415 -13.34 -1.09 -36.67
C ALA A 415 -14.78 -0.90 -36.22
N ALA A 416 -15.20 -1.58 -35.16
CA ALA A 416 -16.54 -1.40 -34.64
C ALA A 416 -16.67 -0.28 -33.60
N LEU A 417 -15.57 0.33 -33.15
CA LEU A 417 -15.71 1.36 -32.12
C LEU A 417 -16.46 2.59 -32.61
N PRO A 418 -16.21 3.10 -33.81
CA PRO A 418 -17.06 4.20 -34.41
C PRO A 418 -18.57 3.92 -34.49
N ARG A 419 -18.99 2.66 -34.45
CA ARG A 419 -20.39 2.34 -34.68
C ARG A 419 -21.20 2.14 -33.41
N LEU A 420 -20.57 1.77 -32.28
CA LEU A 420 -21.30 1.52 -31.05
C LEU A 420 -21.26 2.65 -30.03
N ARG A 421 -20.27 3.54 -30.11
CA ARG A 421 -20.16 4.62 -29.13
C ARG A 421 -19.96 5.97 -29.80
N GLY A 422 -19.42 5.97 -31.01
CA GLY A 422 -19.15 7.19 -31.76
C GLY A 422 -17.67 7.41 -31.99
N GLU A 423 -17.38 8.51 -32.68
CA GLU A 423 -16.00 8.84 -33.04
C GLU A 423 -15.21 9.38 -31.85
N GLU A 424 -15.89 10.00 -30.88
CA GLU A 424 -15.18 10.54 -29.73
C GLU A 424 -14.56 9.44 -28.89
N PHE A 425 -15.24 8.28 -28.81
CA PHE A 425 -14.65 7.12 -28.15
C PHE A 425 -13.33 6.73 -28.79
N GLN A 426 -13.31 6.68 -30.12
CA GLN A 426 -12.08 6.35 -30.85
C GLN A 426 -10.99 7.39 -30.60
N ASN A 427 -11.34 8.67 -30.65
CA ASN A 427 -10.35 9.71 -30.40
C ASN A 427 -9.78 9.61 -29.00
N ARG A 428 -10.64 9.32 -28.02
CA ARG A 428 -10.17 9.16 -26.64
C ARG A 428 -9.21 7.99 -26.53
N LEU A 429 -9.51 6.88 -27.23
CA LEU A 429 -8.58 5.75 -27.22
C LEU A 429 -7.23 6.15 -27.80
N VAL A 430 -7.23 6.90 -28.91
CA VAL A 430 -5.98 7.31 -29.53
C VAL A 430 -5.17 8.21 -28.57
N VAL A 431 -5.85 9.16 -27.93
CA VAL A 431 -5.16 10.08 -27.01
C VAL A 431 -4.61 9.31 -25.80
N ASN A 432 -5.39 8.38 -25.26
CA ASN A 432 -4.93 7.60 -24.10
C ASN A 432 -3.72 6.75 -24.46
N MET A 433 -3.73 6.13 -25.63
CA MET A 433 -2.57 5.37 -26.07
C MET A 433 -1.35 6.26 -26.17
N ALA A 434 -1.50 7.44 -26.76
CA ALA A 434 -0.33 8.27 -27.07
C ALA A 434 0.26 8.90 -25.81
N GLU A 435 -0.58 9.27 -24.84
CA GLU A 435 -0.02 9.81 -23.59
C GLU A 435 0.90 8.79 -22.93
N SER A 436 0.54 7.51 -23.01
CA SER A 436 1.38 6.46 -22.44
C SER A 436 2.64 6.24 -23.28
N VAL A 437 2.49 6.19 -24.61
CA VAL A 437 3.65 5.93 -25.47
C VAL A 437 4.63 7.10 -25.45
N SER A 438 4.21 8.29 -25.04
CA SER A 438 5.10 9.45 -25.05
C SER A 438 6.18 9.39 -23.98
N GLN A 439 6.14 8.44 -23.05
CA GLN A 439 7.08 8.39 -21.94
C GLN A 439 8.12 7.29 -22.07
N ILE A 440 8.29 6.73 -23.27
CA ILE A 440 9.23 5.63 -23.48
C ILE A 440 10.26 6.08 -24.49
N PRO A 441 11.44 5.44 -24.52
CA PRO A 441 12.49 5.84 -25.45
C PRO A 441 12.09 5.63 -26.90
N GLU A 442 12.90 6.22 -27.80
CA GLU A 442 12.51 6.35 -29.20
C GLU A 442 12.48 5.01 -29.92
N ASP A 443 13.45 4.13 -29.66
CA ASP A 443 13.48 2.84 -30.32
C ASP A 443 12.27 1.99 -29.91
N LEU A 444 11.91 2.00 -28.63
CA LEU A 444 10.71 1.32 -28.19
C LEU A 444 9.47 1.94 -28.80
N ARG A 445 9.48 3.27 -29.02
CA ARG A 445 8.37 3.91 -29.71
C ARG A 445 8.23 3.39 -31.14
N GLN A 446 9.35 3.25 -31.85
CA GLN A 446 9.30 2.72 -33.21
C GLN A 446 8.77 1.30 -33.22
N LYS A 447 9.21 0.49 -32.25
CA LYS A 447 8.70 -0.88 -32.14
C LYS A 447 7.20 -0.88 -31.87
N VAL A 448 6.73 0.04 -31.03
CA VAL A 448 5.31 0.14 -30.73
C VAL A 448 4.51 0.47 -31.99
N TYR A 449 4.99 1.44 -32.77
CA TYR A 449 4.29 1.80 -34.01
C TYR A 449 4.26 0.63 -34.99
N LYS A 450 5.39 -0.08 -35.12
CA LYS A 450 5.44 -1.23 -36.01
C LYS A 450 4.46 -2.31 -35.58
N THR A 451 4.40 -2.58 -34.27
CA THR A 451 3.46 -3.59 -33.77
C THR A 451 2.01 -3.16 -33.97
N LEU A 452 1.72 -1.87 -33.73
CA LEU A 452 0.35 -1.39 -33.89
C LEU A 452 -0.11 -1.42 -35.34
N ALA A 453 0.83 -1.25 -36.28
CA ALA A 453 0.44 -1.28 -37.69
C ALA A 453 -0.05 -2.66 -38.13
N LEU A 454 0.20 -3.70 -37.35
CA LEU A 454 -0.29 -5.03 -37.71
C LEU A 454 -1.79 -5.16 -37.47
N VAL A 455 -2.34 -4.40 -36.54
CA VAL A 455 -3.78 -4.41 -36.28
C VAL A 455 -4.51 -3.57 -37.33
N ALA A 456 -4.12 -2.30 -37.46
CA ALA A 456 -4.73 -1.41 -38.42
C ALA A 456 -3.75 -0.29 -38.75
N GLU A 457 -3.61 0.02 -40.04
CA GLU A 457 -2.67 1.05 -40.45
C GLU A 457 -3.10 2.43 -39.96
N ASP A 458 -4.41 2.71 -40.00
CA ASP A 458 -4.90 4.01 -39.57
C ASP A 458 -4.67 4.23 -38.07
N LEU A 459 -4.91 3.20 -37.26
CA LEU A 459 -4.70 3.33 -35.82
C LEU A 459 -3.25 3.67 -35.51
N ALA A 460 -2.31 2.94 -36.11
CA ALA A 460 -0.90 3.19 -35.88
C ALA A 460 -0.51 4.58 -36.38
N SER A 461 -1.00 4.97 -37.56
CA SER A 461 -0.66 6.27 -38.12
C SER A 461 -1.12 7.40 -37.20
N ARG A 462 -2.37 7.31 -36.72
CA ARG A 462 -2.89 8.35 -35.84
C ARG A 462 -2.16 8.38 -34.50
N VAL A 463 -1.89 7.22 -33.92
CA VAL A 463 -1.19 7.17 -32.64
C VAL A 463 0.21 7.78 -32.77
N GLU A 464 0.92 7.45 -33.85
CA GLU A 464 2.26 7.98 -34.02
C GLU A 464 2.24 9.48 -34.29
N SER A 465 1.32 9.94 -35.15
CA SER A 465 1.24 11.36 -35.45
C SER A 465 0.85 12.15 -34.21
N LEU A 466 0.14 11.53 -33.26
CA LEU A 466 -0.24 12.27 -32.08
C LEU A 466 0.86 12.20 -31.02
N THR A 467 1.61 11.09 -30.98
CA THR A 467 2.67 10.91 -29.99
C THR A 467 3.91 11.73 -30.31
N GLU A 468 4.26 11.85 -31.59
CA GLU A 468 5.47 12.59 -31.94
C GLU A 468 5.35 14.08 -31.66
N GLU A 469 4.15 14.59 -31.39
CA GLU A 469 3.96 15.99 -31.03
C GLU A 469 3.96 16.20 -29.52
N MET A 470 4.19 15.17 -28.72
CA MET A 470 4.14 15.28 -27.27
C MET A 470 5.43 14.87 -26.58
N VAL A 471 6.48 14.55 -27.33
CA VAL A 471 7.77 14.25 -26.72
C VAL A 471 8.79 15.32 -27.11
N ASP B 32 4.00 -30.65 -15.66
CA ASP B 32 5.13 -29.77 -15.99
C ASP B 32 5.79 -29.26 -14.71
N PRO B 33 6.87 -29.93 -14.28
CA PRO B 33 7.60 -29.46 -13.09
C PRO B 33 8.18 -28.07 -13.25
N ARG B 34 8.57 -27.69 -14.48
CA ARG B 34 9.14 -26.36 -14.68
C ARG B 34 8.12 -25.26 -14.42
N LEU B 35 6.89 -25.44 -14.89
CA LEU B 35 5.85 -24.45 -14.64
C LEU B 35 5.51 -24.38 -13.16
N LEU B 36 5.46 -25.52 -12.48
CA LEU B 36 5.21 -25.53 -11.05
C LEU B 36 6.31 -24.82 -10.29
N ASP B 37 7.57 -25.04 -10.69
CA ASP B 37 8.67 -24.34 -10.05
C ASP B 37 8.58 -22.83 -10.26
N ILE B 38 8.26 -22.40 -11.48
CA ILE B 38 8.13 -20.98 -11.76
C ILE B 38 7.03 -20.37 -10.90
N LEU B 39 5.87 -21.02 -10.86
CA LEU B 39 4.74 -20.48 -10.11
C LEU B 39 5.02 -20.49 -8.61
N SER B 40 5.69 -21.52 -8.10
CA SER B 40 6.03 -21.57 -6.68
C SER B 40 7.00 -20.47 -6.31
N ARG B 41 8.00 -20.21 -7.16
CA ARG B 41 8.92 -19.11 -6.88
C ARG B 41 8.21 -17.76 -6.94
N PHE B 42 7.26 -17.61 -7.87
CA PHE B 42 6.52 -16.35 -7.95
C PHE B 42 5.61 -16.16 -6.75
N ASN B 43 5.02 -17.24 -6.24
CA ASN B 43 4.03 -17.16 -5.17
C ASN B 43 4.59 -16.71 -3.83
N ARG B 44 5.92 -16.74 -3.66
CA ARG B 44 6.55 -16.48 -2.38
C ARG B 44 7.42 -15.24 -2.40
N GLU B 45 7.06 -14.25 -3.21
CA GLU B 45 7.90 -13.07 -3.40
C GLU B 45 7.68 -12.01 -2.32
N LYS B 46 6.43 -11.76 -1.93
CA LYS B 46 6.11 -10.66 -1.04
C LYS B 46 6.25 -11.07 0.42
N ILE B 47 6.66 -10.10 1.24
CA ILE B 47 6.88 -10.31 2.67
C ILE B 47 6.13 -9.21 3.42
N PRO B 48 5.87 -9.39 4.71
CA PRO B 48 5.15 -8.35 5.46
C PRO B 48 5.90 -7.03 5.44
N GLU B 49 5.14 -5.94 5.43
CA GLU B 49 5.72 -4.62 5.52
C GLU B 49 5.92 -4.23 6.98
N ARG B 50 6.70 -3.16 7.19
CA ARG B 50 7.02 -2.71 8.54
C ARG B 50 5.75 -2.29 9.29
N ALA B 51 5.78 -2.48 10.60
CA ALA B 51 4.62 -2.14 11.43
C ALA B 51 4.29 -0.65 11.33
N VAL B 52 5.31 0.20 11.37
CA VAL B 52 5.17 1.62 11.11
C VAL B 52 6.24 2.03 10.11
N HIS B 53 5.97 3.11 9.36
CA HIS B 53 6.88 3.62 8.34
C HIS B 53 7.09 2.61 7.23
N ALA B 54 5.98 2.14 6.64
CA ALA B 54 6.04 1.09 5.64
C ALA B 54 6.53 1.60 4.28
N ARG B 55 6.16 2.84 3.92
CA ARG B 55 6.48 3.40 2.62
C ARG B 55 7.73 4.26 2.72
N GLY B 56 8.71 4.01 1.85
CA GLY B 56 9.95 4.74 1.95
C GLY B 56 10.82 4.68 0.71
N ALA B 57 11.96 5.37 0.79
CA ALA B 57 12.93 5.46 -0.29
C ALA B 57 14.34 5.45 0.31
N GLY B 58 15.32 5.08 -0.51
CA GLY B 58 16.67 4.92 -0.03
C GLY B 58 17.69 5.57 -0.94
N ALA B 59 18.89 5.77 -0.39
CA ALA B 59 20.01 6.36 -1.12
C ALA B 59 21.29 6.04 -0.37
N TYR B 60 22.42 6.36 -0.99
CA TYR B 60 23.74 6.13 -0.43
C TYR B 60 24.55 7.43 -0.45
N GLY B 61 25.48 7.55 0.46
CA GLY B 61 26.32 8.72 0.55
C GLY B 61 27.54 8.49 1.42
N GLU B 62 27.95 9.55 2.12
CA GLU B 62 29.10 9.47 3.02
C GLU B 62 28.99 10.55 4.08
N PHE B 63 29.67 10.33 5.20
CA PHE B 63 29.79 11.29 6.29
C PHE B 63 31.24 11.72 6.41
N GLU B 64 31.46 13.03 6.55
CA GLU B 64 32.81 13.58 6.66
C GLU B 64 32.90 14.46 7.90
N VAL B 65 33.93 14.24 8.71
CA VAL B 65 34.12 14.99 9.94
C VAL B 65 34.82 16.31 9.62
N THR B 66 34.24 17.43 10.07
CA THR B 66 34.77 18.74 9.79
C THR B 66 35.22 19.53 11.01
N HIS B 67 34.82 19.13 12.22
CA HIS B 67 35.15 19.87 13.43
C HIS B 67 35.77 18.95 14.46
N ASP B 68 36.31 19.55 15.51
CA ASP B 68 37.01 18.82 16.58
C ASP B 68 36.06 18.63 17.77
N VAL B 69 35.82 17.38 18.12
CA VAL B 69 34.95 17.04 19.25
C VAL B 69 35.68 16.06 20.16
N SER B 70 37.02 16.08 20.12
CA SER B 70 37.81 15.10 20.86
C SER B 70 37.76 15.30 22.36
N ASP B 71 37.23 16.42 22.84
CA ASP B 71 37.14 16.67 24.28
C ASP B 71 35.85 16.15 24.90
N ILE B 72 34.91 15.67 24.10
CA ILE B 72 33.64 15.16 24.62
C ILE B 72 33.34 13.80 24.04
N CYS B 73 34.16 13.36 23.07
CA CYS B 73 33.86 12.17 22.30
C CYS B 73 35.07 11.24 22.24
N ASP B 74 34.78 9.94 22.17
CA ASP B 74 35.81 8.92 21.95
C ASP B 74 35.38 7.92 20.88
N ILE B 75 34.29 8.19 20.18
CA ILE B 75 33.88 7.32 19.07
C ILE B 75 34.87 7.48 17.93
N ASP B 76 35.37 6.36 17.42
CA ASP B 76 36.42 6.39 16.41
C ASP B 76 35.94 6.99 15.10
N MET B 77 34.63 6.91 14.83
CA MET B 77 34.09 7.46 13.58
C MET B 77 34.20 8.97 13.53
N LEU B 78 34.13 9.64 14.69
CA LEU B 78 34.12 11.10 14.76
C LEU B 78 35.46 11.69 15.16
N LEU B 79 36.52 10.89 15.21
CA LEU B 79 37.84 11.36 15.62
C LEU B 79 38.70 11.58 14.39
N GLY B 80 39.08 12.83 14.14
CA GLY B 80 39.89 13.17 12.99
C GLY B 80 39.15 13.97 11.94
N ILE B 81 39.59 15.20 11.70
CA ILE B 81 38.94 16.05 10.71
C ILE B 81 39.26 15.53 9.31
N GLY B 82 38.23 15.45 8.46
CA GLY B 82 38.38 14.88 7.14
C GLY B 82 38.14 13.40 7.06
N LYS B 83 37.89 12.74 8.20
CA LYS B 83 37.57 11.32 8.18
C LYS B 83 36.26 11.07 7.44
N LYS B 84 36.22 9.99 6.68
CA LYS B 84 35.07 9.70 5.83
C LYS B 84 34.56 8.29 6.10
N THR B 85 33.23 8.15 6.10
CA THR B 85 32.56 6.91 6.43
C THR B 85 31.38 6.71 5.47
N PRO B 86 31.29 5.56 4.81
CA PRO B 86 30.13 5.30 3.95
C PRO B 86 28.86 5.12 4.77
N CYS B 87 27.71 5.33 4.11
CA CYS B 87 26.44 5.29 4.81
C CYS B 87 25.32 4.90 3.84
N ALA B 88 24.20 4.47 4.42
CA ALA B 88 22.97 4.19 3.68
C ALA B 88 21.80 4.79 4.44
N VAL B 89 20.88 5.41 3.70
CA VAL B 89 19.77 6.15 4.30
C VAL B 89 18.45 5.59 3.78
N ARG B 90 17.43 5.63 4.64
CA ARG B 90 16.06 5.26 4.26
C ARG B 90 15.09 6.30 4.81
N PHE B 91 14.50 7.09 3.92
CA PHE B 91 13.43 8.00 4.26
C PHE B 91 12.09 7.28 4.21
N SER B 92 11.08 7.84 4.87
CA SER B 92 9.79 7.17 4.99
C SER B 92 8.72 8.14 5.49
N THR B 93 7.47 7.71 5.38
CA THR B 93 6.33 8.32 6.04
C THR B 93 5.96 7.49 7.27
N THR B 94 4.83 7.78 7.90
CA THR B 94 4.57 7.23 9.24
C THR B 94 3.40 6.26 9.31
N ALA B 95 2.19 6.66 8.92
CA ALA B 95 0.99 6.00 9.41
C ALA B 95 0.27 5.12 8.39
N LEU B 96 0.53 5.27 7.10
CA LEU B 96 -0.21 4.54 6.10
C LEU B 96 0.63 3.38 5.55
N GLU B 97 0.09 2.68 4.55
CA GLU B 97 0.66 1.43 4.06
C GLU B 97 1.72 1.69 3.01
N ARG B 98 2.15 0.62 2.33
CA ARG B 98 3.29 0.72 1.41
C ARG B 98 2.97 1.59 0.20
N GLY B 99 1.80 1.42 -0.39
CA GLY B 99 1.45 2.10 -1.63
C GLY B 99 0.75 3.43 -1.46
N SER B 100 0.71 3.97 -0.25
CA SER B 100 -0.05 5.18 0.03
C SER B 100 0.70 6.43 -0.43
N ALA B 101 0.09 7.59 -0.23
CA ALA B 101 0.65 8.85 -0.68
C ALA B 101 1.68 9.37 0.32
N GLU B 102 2.48 10.34 -0.14
CA GLU B 102 3.53 10.94 0.67
C GLU B 102 3.31 12.43 0.93
N SER B 103 2.26 13.03 0.36
CA SER B 103 1.96 14.44 0.57
C SER B 103 0.86 14.66 1.59
N VAL B 104 0.50 13.63 2.35
CA VAL B 104 -0.51 13.75 3.41
C VAL B 104 0.14 14.38 4.63
N ARG B 105 -0.68 14.82 5.58
CA ARG B 105 -0.18 15.37 6.84
C ARG B 105 0.30 14.21 7.71
N ASP B 106 1.60 14.15 7.96
CA ASP B 106 2.18 13.03 8.69
C ASP B 106 3.57 13.43 9.18
N VAL B 107 4.20 12.51 9.91
CA VAL B 107 5.58 12.64 10.34
C VAL B 107 6.44 11.84 9.38
N LYS B 108 7.64 12.35 9.08
CA LYS B 108 8.57 11.70 8.17
C LYS B 108 9.79 11.23 8.93
N GLY B 109 10.27 10.03 8.59
CA GLY B 109 11.43 9.47 9.24
C GLY B 109 12.65 9.40 8.33
N MET B 110 13.83 9.32 8.94
CA MET B 110 15.08 9.25 8.17
C MET B 110 16.04 8.40 8.99
N ALA B 111 16.36 7.21 8.48
CA ALA B 111 17.19 6.24 9.20
C ALA B 111 18.53 6.12 8.48
N ILE B 112 19.62 6.39 9.20
CA ILE B 112 20.96 6.42 8.65
C ILE B 112 21.76 5.28 9.25
N LYS B 113 22.36 4.47 8.38
CA LYS B 113 23.22 3.36 8.79
C LYS B 113 24.64 3.66 8.36
N LEU B 114 25.58 3.63 9.31
CA LEU B 114 26.96 3.99 9.06
C LEU B 114 27.86 2.79 9.29
N PHE B 115 28.75 2.53 8.33
CA PHE B 115 29.64 1.37 8.38
C PHE B 115 31.02 1.86 8.81
N THR B 116 31.31 1.72 10.10
CA THR B 116 32.54 2.21 10.70
C THR B 116 33.53 1.06 10.88
N GLY B 117 34.63 1.34 11.56
CA GLY B 117 35.63 0.33 11.87
C GLY B 117 35.31 -0.55 13.05
N ASP B 118 34.22 -0.29 13.77
CA ASP B 118 33.81 -1.10 14.89
C ASP B 118 32.44 -1.74 14.70
N GLY B 119 31.80 -1.53 13.55
CA GLY B 119 30.48 -2.06 13.28
C GLY B 119 29.52 -0.97 12.86
N GLU B 120 28.32 -1.41 12.51
CA GLU B 120 27.29 -0.47 12.07
C GLU B 120 26.75 0.33 13.25
N TRP B 121 26.52 1.62 13.01
CA TRP B 121 25.95 2.53 13.99
C TRP B 121 24.77 3.23 13.36
N ASP B 122 23.58 3.03 13.91
CA ASP B 122 22.33 3.48 13.32
C ASP B 122 21.81 4.73 14.00
N TRP B 123 21.30 5.67 13.19
CA TRP B 123 20.63 6.88 13.66
C TRP B 123 19.20 6.86 13.14
N VAL B 124 18.26 6.41 13.96
CA VAL B 124 16.85 6.38 13.58
C VAL B 124 16.23 7.69 14.05
N CYS B 125 15.85 8.53 13.08
CA CYS B 125 15.49 9.92 13.35
C CYS B 125 14.08 10.22 12.86
N LEU B 126 13.56 11.35 13.34
CA LEU B 126 12.28 11.90 12.92
C LEU B 126 12.50 13.35 12.49
N ASN B 127 11.52 13.88 11.76
CA ASN B 127 11.62 15.26 11.27
C ASN B 127 10.97 16.26 12.21
N ILE B 128 10.51 15.82 13.38
CA ILE B 128 9.90 16.69 14.37
C ILE B 128 10.68 16.54 15.68
N PRO B 129 10.98 17.63 16.39
CA PRO B 129 11.89 17.53 17.54
C PRO B 129 11.39 16.67 18.70
N MET B 130 10.09 16.37 18.78
CA MET B 130 9.55 15.61 19.90
C MET B 130 8.63 14.50 19.38
N PHE B 131 8.04 13.75 20.32
CA PHE B 131 7.19 12.61 20.02
C PHE B 131 5.87 12.75 20.76
N PHE B 132 4.91 11.90 20.39
CA PHE B 132 3.55 12.00 20.91
C PHE B 132 3.49 11.69 22.40
N ILE B 133 4.05 10.56 22.82
CA ILE B 133 3.85 10.02 24.15
C ILE B 133 5.20 9.90 24.86
N ARG B 134 5.13 9.58 26.14
CA ARG B 134 6.31 9.30 26.93
C ARG B 134 6.26 7.95 27.63
N ASP B 135 5.12 7.27 27.63
CA ASP B 135 4.99 5.94 28.21
C ASP B 135 4.96 4.91 27.08
N PRO B 136 5.92 3.98 27.04
CA PRO B 136 5.96 3.03 25.91
C PRO B 136 4.76 2.08 25.86
N SER B 137 4.03 1.91 26.96
CA SER B 137 2.89 1.01 26.99
C SER B 137 1.71 1.52 26.18
N LYS B 138 1.70 2.79 25.80
CA LYS B 138 0.62 3.39 25.02
C LYS B 138 0.89 3.38 23.52
N PHE B 139 1.99 2.77 23.08
CA PHE B 139 2.34 2.83 21.66
C PHE B 139 1.34 2.15 20.76
N PRO B 140 0.89 0.90 21.00
CA PRO B 140 -0.07 0.28 20.09
C PRO B 140 -1.37 1.05 19.96
N ASP B 141 -1.84 1.68 21.05
CA ASP B 141 -3.08 2.45 20.97
C ASP B 141 -2.91 3.67 20.06
N LEU B 142 -1.78 4.37 20.17
CA LEU B 142 -1.50 5.49 19.28
C LEU B 142 -1.44 5.03 17.83
N VAL B 143 -0.73 3.93 17.58
CA VAL B 143 -0.60 3.43 16.21
C VAL B 143 -1.95 3.04 15.64
N HIS B 144 -2.79 2.38 16.44
CA HIS B 144 -4.12 1.98 15.98
C HIS B 144 -5.01 3.20 15.74
N ALA B 145 -4.88 4.23 16.59
CA ALA B 145 -5.63 5.45 16.39
C ALA B 145 -5.20 6.19 15.13
N GLN B 146 -3.98 5.97 14.66
CA GLN B 146 -3.53 6.61 13.42
C GLN B 146 -3.79 5.77 12.18
N ARG B 147 -4.25 4.53 12.33
CA ARG B 147 -4.48 3.58 11.25
C ARG B 147 -5.90 3.69 10.72
N PRO B 148 -6.18 3.14 9.53
CA PRO B 148 -7.54 3.23 8.97
C PRO B 148 -8.58 2.55 9.86
N ASP B 149 -9.85 2.82 9.51
CA ASP B 149 -10.97 2.32 10.30
C ASP B 149 -10.95 0.80 10.34
N PRO B 150 -11.05 0.19 11.54
CA PRO B 150 -10.93 -1.28 11.63
C PRO B 150 -12.03 -2.04 10.92
N ALA B 151 -13.16 -1.42 10.60
CA ALA B 151 -14.28 -2.10 9.97
C ALA B 151 -14.45 -1.76 8.49
N THR B 152 -14.28 -0.50 8.10
CA THR B 152 -14.49 -0.09 6.72
C THR B 152 -13.19 0.21 5.97
N ASN B 153 -12.05 0.25 6.66
CA ASN B 153 -10.76 0.54 6.04
C ASN B 153 -10.74 1.93 5.40
N LEU B 154 -11.42 2.88 6.05
CA LEU B 154 -11.45 4.26 5.62
C LEU B 154 -10.86 5.15 6.71
N ALA B 155 -10.69 6.43 6.39
CA ALA B 155 -10.07 7.37 7.34
C ALA B 155 -10.96 7.57 8.56
N ASN B 156 -10.32 7.77 9.71
CA ASN B 156 -11.02 7.93 10.99
C ASN B 156 -10.37 9.03 11.81
N PRO B 157 -10.85 10.27 11.70
CA PRO B 157 -10.38 11.32 12.61
C PRO B 157 -10.88 11.12 14.04
N ALA B 158 -11.99 10.39 14.21
CA ALA B 158 -12.60 10.25 15.52
C ALA B 158 -11.68 9.52 16.48
N ALA B 159 -11.01 8.47 16.01
CA ALA B 159 -10.07 7.74 16.87
C ALA B 159 -8.92 8.63 17.30
N TRP B 160 -8.39 9.43 16.37
CA TRP B 160 -7.29 10.34 16.71
C TRP B 160 -7.71 11.35 17.76
N TRP B 161 -8.89 11.94 17.62
CA TRP B 161 -9.32 12.94 18.59
C TRP B 161 -9.70 12.33 19.92
N GLU B 162 -10.25 11.12 19.93
CA GLU B 162 -10.50 10.42 21.19
C GLU B 162 -9.20 10.13 21.92
N PHE B 163 -8.17 9.66 21.18
CA PHE B 163 -6.89 9.43 21.80
C PHE B 163 -6.29 10.71 22.36
N VAL B 164 -6.39 11.81 21.61
CA VAL B 164 -5.82 13.07 22.09
C VAL B 164 -6.54 13.53 23.34
N CYS B 165 -7.86 13.43 23.36
CA CYS B 165 -8.61 13.86 24.54
C CYS B 165 -8.38 12.95 25.75
N ASN B 166 -8.00 11.69 25.52
CA ASN B 166 -7.68 10.80 26.64
C ASN B 166 -6.25 10.96 27.14
N ASN B 167 -5.33 11.42 26.31
CA ASN B 167 -3.91 11.52 26.66
C ASN B 167 -3.46 12.96 26.42
N HIS B 168 -3.22 13.70 27.49
CA HIS B 168 -2.92 15.12 27.41
C HIS B 168 -1.45 15.42 27.17
N GLU B 169 -0.59 14.40 27.12
CA GLU B 169 0.81 14.62 26.76
C GLU B 169 1.03 14.67 25.26
N SER B 170 0.02 14.33 24.46
CA SER B 170 0.09 14.42 23.02
C SER B 170 -0.40 15.77 22.49
N LEU B 171 -0.79 16.67 23.37
CA LEU B 171 -1.31 17.97 22.95
C LEU B 171 -0.25 18.79 22.25
N HIS B 172 0.99 18.75 22.74
CA HIS B 172 2.08 19.50 22.13
C HIS B 172 2.30 19.08 20.68
N MET B 173 2.42 17.77 20.45
CA MET B 173 2.60 17.25 19.10
C MET B 173 1.38 17.51 18.22
N ALA B 174 0.18 17.40 18.80
CA ALA B 174 -1.03 17.64 18.02
C ALA B 174 -1.10 19.09 17.55
N VAL B 175 -0.78 20.04 18.42
CA VAL B 175 -0.77 21.44 18.02
C VAL B 175 0.33 21.70 17.01
N PHE B 176 1.49 21.07 17.19
CA PHE B 176 2.58 21.25 16.24
C PHE B 176 2.22 20.72 14.85
N LEU B 177 1.56 19.57 14.78
CA LEU B 177 1.33 18.88 13.51
C LEU B 177 0.24 19.54 12.67
N PHE B 178 -0.62 20.36 13.26
CA PHE B 178 -1.68 21.02 12.52
C PHE B 178 -1.29 22.40 12.02
N THR B 179 -0.04 22.80 12.21
CA THR B 179 0.50 23.98 11.55
C THR B 179 0.95 23.58 10.14
N ASP B 180 1.67 24.47 9.46
CA ASP B 180 2.18 24.14 8.14
C ASP B 180 3.30 23.11 8.19
N PHE B 181 3.91 22.91 9.36
CA PHE B 181 5.02 21.95 9.49
C PHE B 181 4.58 20.52 9.19
N GLY B 182 3.28 20.23 9.27
CA GLY B 182 2.81 18.88 9.00
C GLY B 182 2.60 18.56 7.53
N THR B 183 2.71 19.55 6.65
CA THR B 183 2.49 19.34 5.22
C THR B 183 3.49 20.12 4.38
N MET B 184 4.72 20.30 4.88
CA MET B 184 5.66 21.24 4.30
C MET B 184 6.92 20.61 3.72
N PHE B 185 7.42 19.53 4.30
CA PHE B 185 8.72 18.98 3.95
C PHE B 185 8.59 17.86 2.91
N ASP B 186 9.62 17.72 2.08
CA ASP B 186 9.87 16.50 1.32
C ASP B 186 11.14 15.87 1.86
N TYR B 187 11.61 14.80 1.20
CA TYR B 187 12.75 14.05 1.71
C TYR B 187 14.05 14.87 1.72
N ARG B 188 14.12 15.94 0.92
CA ARG B 188 15.34 16.73 0.84
C ARG B 188 15.32 17.97 1.72
N SER B 189 14.14 18.54 1.97
CA SER B 189 14.01 19.72 2.80
C SER B 189 13.73 19.40 4.27
N MET B 190 13.53 18.14 4.61
CA MET B 190 13.24 17.77 5.98
C MET B 190 14.52 17.64 6.80
N SER B 191 14.39 17.83 8.11
CA SER B 191 15.49 17.65 9.04
C SER B 191 15.30 16.35 9.82
N GLY B 192 16.27 16.03 10.66
CA GLY B 192 16.21 14.79 11.42
C GLY B 192 16.74 14.89 12.83
N TYR B 193 15.92 14.50 13.81
CA TYR B 193 16.29 14.54 15.22
C TYR B 193 16.20 13.15 15.80
N VAL B 194 17.21 12.76 16.59
CA VAL B 194 17.15 11.46 17.26
C VAL B 194 16.19 11.47 18.44
N SER B 195 15.91 12.65 19.02
CA SER B 195 14.81 12.89 19.94
C SER B 195 15.04 12.28 21.33
N HIS B 196 16.08 11.48 21.49
CA HIS B 196 16.36 10.85 22.76
C HIS B 196 17.59 11.51 23.40
N ALA B 197 18.03 10.94 24.52
CA ALA B 197 19.31 11.28 25.12
C ALA B 197 20.19 10.04 25.12
N TYR B 198 21.47 10.23 24.82
CA TYR B 198 22.45 9.16 24.84
C TYR B 198 23.59 9.56 25.75
N LYS B 199 24.48 8.61 26.02
CA LYS B 199 25.64 8.83 26.87
C LYS B 199 26.90 8.68 26.03
N TRP B 200 27.77 9.69 26.09
CA TRP B 200 29.05 9.67 25.40
C TRP B 200 30.13 9.54 26.47
N VAL B 201 30.80 8.39 26.49
CA VAL B 201 31.71 8.03 27.57
C VAL B 201 33.15 8.30 27.14
N MET B 202 33.89 9.01 27.98
CA MET B 202 35.30 9.22 27.78
C MET B 202 36.09 8.04 28.34
N PRO B 203 37.35 7.86 27.90
CA PRO B 203 38.13 6.71 28.39
C PRO B 203 38.41 6.74 29.89
N ASP B 204 38.30 7.90 30.54
CA ASP B 204 38.53 7.98 31.97
C ASP B 204 37.31 7.62 32.80
N GLY B 205 36.18 7.31 32.16
CA GLY B 205 34.98 6.92 32.86
C GLY B 205 33.90 7.98 32.95
N THR B 206 34.23 9.23 32.64
CA THR B 206 33.23 10.29 32.67
C THR B 206 32.33 10.21 31.44
N TRP B 207 31.23 10.96 31.48
CA TRP B 207 30.27 10.95 30.39
C TRP B 207 29.36 12.16 30.50
N LYS B 208 28.61 12.41 29.42
CA LYS B 208 27.64 13.49 29.37
C LYS B 208 26.41 13.03 28.59
N TYR B 209 25.29 13.73 28.83
CA TYR B 209 24.07 13.50 28.06
C TYR B 209 24.13 14.29 26.77
N VAL B 210 23.87 13.64 25.64
CA VAL B 210 23.97 14.28 24.34
C VAL B 210 22.70 14.05 23.53
N HIS B 211 22.50 14.93 22.54
CA HIS B 211 21.38 14.80 21.61
C HIS B 211 21.81 15.49 20.31
N TRP B 212 21.94 14.72 19.24
CA TRP B 212 22.40 15.25 17.96
C TRP B 212 21.27 15.24 16.94
N PHE B 213 21.47 15.99 15.86
CA PHE B 213 20.46 16.11 14.82
C PHE B 213 21.13 16.56 13.52
N LEU B 214 20.39 16.47 12.43
CA LEU B 214 20.87 16.84 11.10
C LEU B 214 20.02 17.98 10.55
N ALA B 215 20.68 19.06 10.13
CA ALA B 215 20.00 20.22 9.56
C ALA B 215 20.13 20.20 8.04
N SER B 216 19.00 20.30 7.35
CA SER B 216 18.99 20.22 5.90
C SER B 216 19.68 21.43 5.28
N ASP B 217 20.57 21.18 4.33
CA ASP B 217 21.26 22.23 3.61
C ASP B 217 20.45 22.80 2.46
N GLN B 218 19.33 22.18 2.10
CA GLN B 218 18.54 22.58 0.94
C GLN B 218 17.06 22.59 1.28
N GLY B 219 16.71 23.13 2.45
CA GLY B 219 15.33 23.20 2.86
C GLY B 219 15.10 24.10 4.05
N PRO B 220 13.82 24.32 4.40
CA PRO B 220 13.43 25.11 5.56
C PRO B 220 13.75 24.42 6.88
N ASP B 235 -0.65 12.10 -7.46
CA ASP B 235 0.70 11.57 -7.36
C ASP B 235 1.00 11.10 -5.94
N SER B 236 1.30 9.81 -5.80
CA SER B 236 1.66 9.21 -4.52
C SER B 236 3.16 9.05 -4.34
N GLU B 237 3.97 9.58 -5.26
CA GLU B 237 5.42 9.41 -5.21
C GLU B 237 6.13 10.72 -5.54
N SER B 238 5.64 11.84 -5.00
CA SER B 238 6.22 13.14 -5.32
C SER B 238 7.60 13.30 -4.66
N ALA B 239 7.71 12.96 -3.38
CA ALA B 239 8.99 13.08 -2.69
C ALA B 239 10.01 12.09 -3.24
N THR B 240 9.57 10.85 -3.51
CA THR B 240 10.45 9.85 -4.07
C THR B 240 10.99 10.29 -5.42
N ARG B 241 10.10 10.78 -6.28
CA ARG B 241 10.50 11.25 -7.60
C ARG B 241 11.44 12.45 -7.49
N ASP B 242 11.15 13.37 -6.57
CA ASP B 242 12.00 14.54 -6.38
C ASP B 242 13.42 14.14 -5.98
N LEU B 243 13.53 13.24 -4.99
CA LEU B 243 14.83 12.80 -4.53
C LEU B 243 15.61 12.10 -5.64
N TYR B 244 14.95 11.21 -6.38
CA TYR B 244 15.66 10.48 -7.42
C TYR B 244 16.05 11.37 -8.60
N GLN B 245 15.21 12.35 -8.94
CA GLN B 245 15.59 13.29 -10.00
C GLN B 245 16.76 14.16 -9.57
N SER B 246 16.76 14.61 -8.30
CA SER B 246 17.91 15.38 -7.81
C SER B 246 19.19 14.56 -7.86
N LEU B 247 19.11 13.28 -7.48
CA LEU B 247 20.29 12.42 -7.57
C LEU B 247 20.69 12.16 -9.01
N GLU B 248 19.73 12.19 -9.94
CA GLU B 248 20.05 11.94 -11.34
C GLU B 248 20.74 13.15 -11.98
N ARG B 249 20.33 14.36 -11.61
CA ARG B 249 20.90 15.56 -12.23
C ARG B 249 22.24 15.98 -11.64
N GLY B 250 22.89 15.11 -10.85
CA GLY B 250 24.21 15.41 -10.35
C GLY B 250 24.28 16.31 -9.13
N GLU B 251 23.15 16.71 -8.58
CA GLU B 251 23.13 17.55 -7.38
C GLU B 251 23.07 16.64 -6.16
N CYS B 252 24.05 16.78 -5.27
CA CYS B 252 24.16 15.89 -4.12
C CYS B 252 23.62 16.60 -2.88
N PRO B 253 22.52 16.14 -2.30
CA PRO B 253 21.99 16.77 -1.08
C PRO B 253 22.96 16.59 0.08
N SER B 254 22.94 17.56 1.00
CA SER B 254 23.84 17.54 2.15
C SER B 254 23.07 17.91 3.42
N TRP B 255 23.59 17.44 4.56
CA TRP B 255 23.03 17.74 5.86
C TRP B 255 24.14 18.12 6.83
N THR B 256 23.83 19.01 7.76
CA THR B 256 24.76 19.43 8.80
C THR B 256 24.41 18.75 10.11
N VAL B 257 25.40 18.17 10.77
CA VAL B 257 25.19 17.42 12.01
C VAL B 257 25.69 18.26 13.18
N LYS B 258 24.82 18.44 14.18
CA LYS B 258 25.14 19.21 15.37
C LYS B 258 24.80 18.37 16.60
N VAL B 259 25.43 18.70 17.73
CA VAL B 259 25.25 17.98 18.97
C VAL B 259 25.00 18.98 20.10
N GLN B 260 24.13 18.62 21.04
CA GLN B 260 23.88 19.39 22.25
C GLN B 260 24.28 18.54 23.46
N VAL B 261 25.05 19.13 24.37
CA VAL B 261 25.67 18.41 25.47
C VAL B 261 25.12 18.96 26.79
N ILE B 262 24.74 18.06 27.69
CA ILE B 262 24.24 18.42 29.01
C ILE B 262 25.01 17.63 30.06
N ASP B 263 25.56 18.34 31.04
CA ASP B 263 26.30 17.69 32.11
C ASP B 263 25.33 16.90 33.00
N PRO B 264 25.74 15.72 33.49
CA PRO B 264 24.83 14.94 34.35
C PRO B 264 24.42 15.65 35.62
N GLU B 265 25.30 16.47 36.22
CA GLU B 265 24.96 17.12 37.48
C GLU B 265 24.09 18.35 37.31
N ASP B 266 23.98 18.88 36.09
CA ASP B 266 23.09 20.00 35.82
C ASP B 266 21.72 19.56 35.30
N ALA B 267 21.59 18.29 34.90
CA ALA B 267 20.30 17.80 34.41
C ALA B 267 19.20 17.85 35.46
N PRO B 268 19.40 17.43 36.72
CA PRO B 268 18.29 17.48 37.68
C PRO B 268 17.79 18.87 38.00
N ARG B 269 18.58 19.91 37.74
CA ARG B 269 18.20 21.28 38.10
C ARG B 269 17.60 22.06 36.93
N LEU B 270 17.29 21.39 35.83
CA LEU B 270 16.69 22.06 34.68
C LEU B 270 15.18 22.22 34.88
N ALA B 271 14.59 23.09 34.04
CA ALA B 271 13.16 23.36 34.14
C ALA B 271 12.30 22.33 33.42
N PHE B 272 12.91 21.39 32.70
CA PHE B 272 12.17 20.33 32.01
C PHE B 272 12.96 19.04 32.10
N ASN B 273 12.24 17.93 31.98
CA ASN B 273 12.85 16.61 32.01
C ASN B 273 13.47 16.31 30.66
N ILE B 274 14.81 16.17 30.62
CA ILE B 274 15.47 15.81 29.37
C ILE B 274 15.30 14.34 29.02
N LEU B 275 14.77 13.54 29.95
CA LEU B 275 14.45 12.15 29.68
C LEU B 275 13.03 11.97 29.18
N ASP B 276 12.28 13.05 29.03
CA ASP B 276 10.91 13.02 28.55
C ASP B 276 10.93 13.29 27.05
N VAL B 277 10.65 12.26 26.25
CA VAL B 277 10.81 12.36 24.81
C VAL B 277 9.72 13.22 24.17
N SER B 278 8.63 13.49 24.90
CA SER B 278 7.57 14.34 24.38
C SER B 278 7.92 15.83 24.46
N LYS B 279 9.02 16.18 25.11
CA LYS B 279 9.52 17.55 25.16
C LYS B 279 10.76 17.67 24.29
N HIS B 280 11.15 18.91 24.01
CA HIS B 280 12.28 19.18 23.14
C HIS B 280 13.28 20.09 23.83
N TRP B 281 14.55 19.94 23.46
CA TRP B 281 15.61 20.78 23.99
C TRP B 281 15.56 22.13 23.26
N ASN B 282 15.31 23.19 24.01
CA ASN B 282 15.07 24.50 23.40
C ASN B 282 16.34 25.03 22.76
N LEU B 283 16.25 25.43 21.49
CA LEU B 283 17.36 26.00 20.75
C LEU B 283 17.20 27.49 20.50
N GLY B 284 16.08 28.09 20.90
CA GLY B 284 15.91 29.52 20.73
C GLY B 284 14.53 30.00 20.33
N ASN B 285 13.57 29.10 20.16
CA ASN B 285 12.23 29.50 19.71
C ASN B 285 11.24 29.61 20.87
N TYR B 286 11.02 28.52 21.60
CA TYR B 286 10.05 28.52 22.69
C TYR B 286 10.35 27.32 23.59
N PRO B 287 9.96 27.38 24.87
CA PRO B 287 9.37 28.52 25.58
C PRO B 287 10.41 29.57 25.96
N PRO B 288 9.99 30.84 26.04
CA PRO B 288 10.96 31.91 26.35
C PRO B 288 11.63 31.77 27.70
N ASP B 289 10.94 31.23 28.71
CA ASP B 289 11.48 31.20 30.07
C ASP B 289 12.42 30.02 30.32
N ILE B 290 12.61 29.12 29.34
CA ILE B 290 13.52 28.00 29.47
C ILE B 290 14.84 28.37 28.77
N PRO B 291 15.97 28.29 29.46
CA PRO B 291 17.24 28.69 28.83
C PRO B 291 17.61 27.80 27.65
N VAL B 292 18.34 28.40 26.71
CA VAL B 292 18.75 27.72 25.48
C VAL B 292 19.93 26.80 25.76
N ILE B 293 19.88 25.60 25.19
CA ILE B 293 20.98 24.64 25.29
C ILE B 293 21.83 24.79 24.01
N PRO B 294 23.10 25.18 24.13
CA PRO B 294 23.90 25.45 22.92
C PRO B 294 24.27 24.18 22.19
N GLU B 295 24.81 24.37 20.99
CA GLU B 295 25.16 23.28 20.09
C GLU B 295 26.54 23.50 19.49
N ARG B 296 27.16 22.39 19.08
CA ARG B 296 28.43 22.40 18.37
C ARG B 296 28.26 21.65 17.05
N CYS B 297 29.17 21.89 16.12
CA CYS B 297 29.15 21.24 14.81
C CYS B 297 30.08 20.03 14.82
N VAL B 298 29.69 18.99 14.08
CA VAL B 298 30.45 17.74 14.07
C VAL B 298 30.97 17.45 12.66
N GLY B 299 30.07 17.32 11.71
CA GLY B 299 30.45 16.98 10.35
C GLY B 299 29.38 17.32 9.35
N LYS B 300 29.31 16.54 8.28
CA LYS B 300 28.33 16.76 7.21
C LYS B 300 28.05 15.43 6.53
N LEU B 301 26.78 15.22 6.18
CA LEU B 301 26.32 14.03 5.49
C LEU B 301 25.80 14.41 4.11
N THR B 302 26.32 13.77 3.07
CA THR B 302 25.93 14.05 1.70
C THR B 302 25.60 12.77 0.97
N LEU B 303 24.58 12.81 0.12
CA LEU B 303 24.05 11.64 -0.58
C LEU B 303 24.40 11.71 -2.06
N LYS B 304 24.77 10.56 -2.63
CA LYS B 304 25.25 10.51 -4.01
C LYS B 304 24.38 9.67 -4.93
N LYS B 305 24.13 8.40 -4.58
CA LYS B 305 23.67 7.42 -5.55
C LYS B 305 22.55 6.57 -4.95
N GLY B 306 21.51 6.32 -5.76
CA GLY B 306 20.31 5.64 -5.30
C GLY B 306 20.46 4.13 -5.30
N PRO B 307 19.35 3.44 -5.09
CA PRO B 307 19.41 1.96 -5.12
C PRO B 307 19.43 1.41 -6.53
N GLU B 308 19.97 0.21 -6.66
CA GLU B 308 19.94 -0.55 -7.90
C GLU B 308 18.84 -1.60 -7.91
N ASN B 309 18.56 -2.21 -6.76
CA ASN B 309 17.40 -3.07 -6.57
C ASN B 309 16.73 -2.61 -5.28
N TYR B 310 15.55 -1.99 -5.40
CA TYR B 310 14.91 -1.38 -4.24
C TYR B 310 14.55 -2.43 -3.20
N PHE B 311 13.93 -3.54 -3.62
CA PHE B 311 13.45 -4.52 -2.66
C PHE B 311 14.59 -5.16 -1.88
N GLU B 312 15.68 -5.50 -2.56
CA GLU B 312 16.78 -6.20 -1.90
C GLU B 312 17.63 -5.27 -1.04
N GLU B 313 17.84 -4.03 -1.47
CA GLU B 313 18.79 -3.14 -0.81
C GLU B 313 18.15 -2.15 0.15
N ILE B 314 16.88 -1.80 -0.03
CA ILE B 314 16.22 -0.77 0.75
C ILE B 314 15.09 -1.35 1.60
N GLU B 315 14.19 -2.12 0.98
CA GLU B 315 13.05 -2.67 1.70
C GLU B 315 13.49 -3.64 2.79
N LYS B 316 14.48 -4.48 2.49
CA LYS B 316 14.94 -5.50 3.43
C LYS B 316 16.05 -4.99 4.35
N LEU B 317 16.24 -3.68 4.43
CA LEU B 317 17.17 -3.09 5.37
C LEU B 317 16.59 -3.15 6.79
N ALA B 318 17.45 -3.40 7.77
CA ALA B 318 17.03 -3.54 9.15
C ALA B 318 17.75 -2.51 10.00
N PHE B 319 16.98 -1.60 10.60
CA PHE B 319 17.50 -0.57 11.48
C PHE B 319 17.05 -0.83 12.91
N SER B 320 17.86 -0.40 13.86
CA SER B 320 17.56 -0.56 15.28
C SER B 320 18.44 0.36 16.11
N PRO B 321 17.88 1.09 17.08
CA PRO B 321 18.72 1.92 17.95
C PRO B 321 19.72 1.12 18.77
N SER B 322 19.52 -0.20 18.90
CA SER B 322 20.46 -1.06 19.61
C SER B 322 21.79 -1.23 18.87
N HIS B 323 21.87 -0.79 17.62
CA HIS B 323 23.12 -0.86 16.86
C HIS B 323 24.01 0.29 17.30
N LEU B 324 24.98 -0.01 18.17
CA LEU B 324 25.86 0.99 18.74
C LEU B 324 27.31 0.57 18.51
N VAL B 325 28.22 1.49 18.84
CA VAL B 325 29.65 1.28 18.72
C VAL B 325 30.29 1.60 20.07
N HIS B 326 31.61 1.54 20.11
CA HIS B 326 32.32 1.91 21.33
C HIS B 326 32.23 3.41 21.56
N GLY B 327 31.93 3.81 22.79
CA GLY B 327 31.88 5.20 23.17
C GLY B 327 30.48 5.78 23.31
N VAL B 328 29.45 5.03 22.96
CA VAL B 328 28.07 5.50 23.07
C VAL B 328 27.22 4.41 23.73
N GLU B 329 26.48 4.79 24.76
CA GLU B 329 25.56 3.94 25.49
C GLU B 329 24.22 4.64 25.62
N PRO B 330 23.12 3.89 25.77
CA PRO B 330 21.81 4.51 25.92
C PRO B 330 21.61 5.12 27.30
N SER B 331 20.63 6.03 27.38
CA SER B 331 20.25 6.68 28.62
C SER B 331 19.12 5.89 29.29
N GLU B 332 18.50 6.49 30.30
CA GLU B 332 17.49 5.83 31.12
C GLU B 332 16.07 6.07 30.63
N ASP B 333 15.91 6.56 29.40
CA ASP B 333 14.60 6.82 28.82
C ASP B 333 13.80 5.52 28.72
N PRO B 334 12.59 5.44 29.28
CA PRO B 334 11.80 4.21 29.15
C PRO B 334 11.46 3.87 27.71
N MET B 335 11.19 4.87 26.88
CA MET B 335 10.86 4.59 25.49
C MET B 335 12.08 4.09 24.72
N LEU B 336 13.26 4.62 25.03
CA LEU B 336 14.48 4.09 24.43
C LEU B 336 14.69 2.64 24.84
N GLN B 337 14.42 2.31 26.11
CA GLN B 337 14.58 0.93 26.56
C GLN B 337 13.60 0.01 25.83
N ALA B 338 12.38 0.48 25.60
CA ALA B 338 11.42 -0.32 24.82
C ALA B 338 11.89 -0.50 23.38
N ARG B 339 12.43 0.56 22.77
CA ARG B 339 12.89 0.48 21.39
C ARG B 339 14.12 -0.41 21.25
N LEU B 340 14.93 -0.52 22.30
CA LEU B 340 16.09 -1.41 22.25
C LEU B 340 15.68 -2.86 22.08
N PHE B 341 14.48 -3.22 22.55
CA PHE B 341 13.97 -4.58 22.39
C PHE B 341 13.09 -4.74 21.15
N ALA B 342 12.25 -3.73 20.86
CA ALA B 342 11.17 -3.92 19.90
C ALA B 342 11.68 -4.18 18.49
N TYR B 343 12.72 -3.44 18.07
CA TYR B 343 13.11 -3.49 16.65
C TYR B 343 13.64 -4.86 16.22
N PRO B 344 14.58 -5.48 16.94
CA PRO B 344 14.98 -6.85 16.54
C PRO B 344 13.84 -7.86 16.61
N ASP B 345 12.93 -7.72 17.57
CA ASP B 345 11.79 -8.62 17.64
C ASP B 345 10.88 -8.45 16.42
N ALA B 346 10.65 -7.22 15.98
CA ALA B 346 9.85 -6.97 14.79
C ALA B 346 10.53 -7.52 13.55
N GLN B 347 11.86 -7.35 13.46
CA GLN B 347 12.58 -7.88 12.30
C GLN B 347 12.65 -9.40 12.31
N GLU B 348 12.51 -10.03 13.47
CA GLU B 348 12.46 -11.49 13.52
C GLU B 348 11.21 -12.04 12.86
N HIS B 349 10.14 -11.25 12.82
CA HIS B 349 8.88 -11.64 12.18
C HIS B 349 8.78 -11.16 10.74
N ARG B 350 9.18 -9.91 10.47
CA ARG B 350 9.07 -9.37 9.12
C ARG B 350 10.12 -9.98 8.19
N LEU B 351 11.34 -10.20 8.67
CA LEU B 351 12.42 -10.74 7.86
C LEU B 351 12.84 -12.13 8.29
N GLY B 352 12.04 -12.80 9.13
CA GLY B 352 12.42 -14.08 9.67
C GLY B 352 12.42 -15.19 8.64
N PRO B 353 12.97 -16.36 9.02
CA PRO B 353 13.15 -17.45 8.05
C PRO B 353 11.83 -18.07 7.61
N GLN B 354 10.72 -17.51 8.07
CA GLN B 354 9.39 -18.01 7.76
C GLN B 354 8.74 -17.33 6.57
N PHE B 355 9.05 -16.06 6.33
CA PHE B 355 8.40 -15.26 5.29
C PHE B 355 6.89 -15.28 5.43
N VAL B 378 34.30 0.23 29.48
CA VAL B 378 34.58 1.31 30.42
C VAL B 378 33.41 1.51 31.36
N PRO B 379 33.62 1.26 32.65
CA PRO B 379 32.53 1.42 33.63
C PRO B 379 32.28 2.90 33.92
N LEU B 380 31.01 3.29 33.84
CA LEU B 380 30.64 4.68 34.06
C LEU B 380 30.85 5.07 35.53
N GLN B 381 31.16 6.35 35.74
CA GLN B 381 31.31 6.85 37.10
C GLN B 381 29.95 6.97 37.78
N LYS B 382 29.98 7.04 39.11
CA LYS B 382 28.77 7.12 39.92
C LYS B 382 28.50 8.57 40.31
N GLN B 383 27.23 8.96 40.26
CA GLN B 383 26.82 10.32 40.53
C GLN B 383 26.26 10.44 41.95
N SER B 384 25.74 11.62 42.28
CA SER B 384 25.27 11.92 43.62
C SER B 384 23.88 11.34 43.85
N ARG B 385 23.31 11.65 45.02
CA ARG B 385 21.97 11.20 45.35
C ARG B 385 20.90 12.01 44.63
N GLU B 386 21.18 13.28 44.32
CA GLU B 386 20.22 14.09 43.59
C GLU B 386 19.98 13.52 42.20
N HIS B 387 21.04 13.08 41.52
CA HIS B 387 20.88 12.47 40.21
C HIS B 387 20.07 11.18 40.28
N ALA B 388 20.32 10.36 41.31
CA ALA B 388 19.57 9.11 41.45
C ALA B 388 18.10 9.39 41.70
N GLU B 389 17.80 10.36 42.56
CA GLU B 389 16.41 10.73 42.82
C GLU B 389 15.73 11.26 41.56
N TRP B 390 16.45 12.08 40.78
CA TRP B 390 15.88 12.61 39.54
C TRP B 390 15.66 11.52 38.50
N VAL B 391 16.55 10.52 38.45
CA VAL B 391 16.40 9.43 37.49
C VAL B 391 15.27 8.49 37.89
N SER B 392 15.04 8.32 39.20
CA SER B 392 14.02 7.37 39.65
C SER B 392 12.62 7.78 39.24
N GLN B 393 12.41 9.02 38.78
CA GLN B 393 11.07 9.48 38.40
C GLN B 393 10.52 8.71 37.20
N VAL B 394 11.38 8.20 36.32
CA VAL B 394 10.89 7.53 35.12
C VAL B 394 10.20 6.21 35.41
N THR B 395 10.35 5.67 36.62
CA THR B 395 9.67 4.46 37.05
C THR B 395 8.83 4.81 38.27
N SER B 396 7.62 5.30 38.05
CA SER B 396 6.71 5.64 39.13
C SER B 396 5.30 5.69 38.55
N SER B 397 4.32 5.69 39.46
CA SER B 397 2.92 5.74 39.03
C SER B 397 2.59 7.08 38.37
N SER B 398 3.28 8.15 38.74
CA SER B 398 3.00 9.48 38.23
C SER B 398 3.60 9.72 36.84
N TRP B 399 4.46 8.83 36.34
CA TRP B 399 5.08 9.04 35.04
C TRP B 399 4.04 9.06 33.92
N SER B 400 2.98 8.29 34.06
CA SER B 400 1.94 8.20 33.03
C SER B 400 0.84 9.23 33.20
N GLN B 401 0.89 10.06 34.26
CA GLN B 401 -0.13 11.07 34.47
C GLN B 401 0.38 12.44 34.02
N PRO B 402 -0.52 13.31 33.56
CA PRO B 402 -0.07 14.62 33.07
C PRO B 402 0.45 15.52 34.19
N ASN B 403 1.33 16.43 33.81
CA ASN B 403 1.82 17.45 34.72
C ASN B 403 1.61 18.84 34.11
N GLU B 404 2.17 19.87 34.74
CA GLU B 404 1.95 21.24 34.26
C GLU B 404 2.66 21.50 32.94
N THR B 405 3.78 20.82 32.70
CA THR B 405 4.54 21.07 31.47
C THR B 405 3.79 20.59 30.23
N ASP B 406 2.96 19.55 30.38
CA ASP B 406 2.15 19.06 29.26
C ASP B 406 1.20 20.12 28.74
N TYR B 407 0.77 21.04 29.60
CA TYR B 407 -0.02 22.19 29.17
C TYR B 407 0.83 23.41 28.90
N LYS B 408 2.02 23.48 29.48
CA LYS B 408 2.88 24.65 29.29
C LYS B 408 3.47 24.68 27.89
N PHE B 409 3.90 23.53 27.37
CA PHE B 409 4.59 23.54 26.07
C PHE B 409 3.68 23.96 24.92
N PRO B 410 2.53 23.31 24.68
CA PRO B 410 1.66 23.78 23.58
C PRO B 410 1.16 25.20 23.77
N ARG B 411 0.94 25.62 25.02
CA ARG B 411 0.50 26.99 25.26
C ARG B 411 1.56 28.00 24.82
N GLU B 412 2.82 27.74 25.15
CA GLU B 412 3.89 28.65 24.73
C GLU B 412 4.10 28.60 23.23
N LEU B 413 3.98 27.43 22.61
CA LEU B 413 4.09 27.35 21.16
C LEU B 413 3.00 28.17 20.48
N TRP B 414 1.76 28.06 20.96
CA TRP B 414 0.67 28.84 20.43
C TRP B 414 0.89 30.32 20.62
N ALA B 415 1.39 30.73 21.80
CA ALA B 415 1.62 32.13 22.07
C ALA B 415 2.76 32.69 21.23
N ALA B 416 3.74 31.87 20.87
CA ALA B 416 4.90 32.33 20.12
C ALA B 416 4.76 32.20 18.61
N LEU B 417 3.75 31.48 18.12
CA LEU B 417 3.55 31.39 16.68
C LEU B 417 3.41 32.75 15.99
N PRO B 418 2.58 33.70 16.50
CA PRO B 418 2.40 34.98 15.79
C PRO B 418 3.67 35.78 15.62
N ARG B 419 4.56 35.72 16.60
CA ARG B 419 5.80 36.47 16.53
C ARG B 419 6.83 35.84 15.59
N LEU B 420 6.90 34.51 15.56
CA LEU B 420 7.87 33.84 14.71
C LEU B 420 7.45 33.75 13.26
N ARG B 421 6.14 33.62 12.99
CA ARG B 421 5.74 33.41 11.60
C ARG B 421 4.70 34.43 11.12
N GLY B 422 3.85 34.89 12.02
CA GLY B 422 2.79 35.82 11.68
C GLY B 422 1.42 35.29 12.05
N GLU B 423 0.41 36.12 11.77
CA GLU B 423 -0.96 35.77 12.10
C GLU B 423 -1.54 34.74 11.15
N GLU B 424 -1.07 34.72 9.90
CA GLU B 424 -1.61 33.78 8.92
C GLU B 424 -1.25 32.35 9.27
N PHE B 425 -0.06 32.13 9.83
CA PHE B 425 0.31 30.80 10.31
C PHE B 425 -0.67 30.31 11.37
N GLN B 426 -0.98 31.18 12.33
CA GLN B 426 -1.93 30.85 13.39
C GLN B 426 -3.31 30.56 12.83
N ASN B 427 -3.77 31.38 11.88
CA ASN B 427 -5.08 31.19 11.29
C ASN B 427 -5.14 29.87 10.52
N ARG B 428 -4.06 29.53 9.81
CA ARG B 428 -4.02 28.25 9.11
C ARG B 428 -4.09 27.08 10.07
N LEU B 429 -3.40 27.19 11.22
CA LEU B 429 -3.51 26.15 12.23
C LEU B 429 -4.94 25.99 12.70
N VAL B 430 -5.63 27.10 12.97
CA VAL B 430 -7.01 27.04 13.41
C VAL B 430 -7.89 26.38 12.35
N VAL B 431 -7.69 26.74 11.09
CA VAL B 431 -8.51 26.20 10.01
C VAL B 431 -8.29 24.70 9.87
N ASN B 432 -7.03 24.25 9.92
CA ASN B 432 -6.75 22.83 9.79
C ASN B 432 -7.36 22.03 10.93
N MET B 433 -7.20 22.53 12.16
CA MET B 433 -7.82 21.88 13.31
C MET B 433 -9.33 21.77 13.12
N ALA B 434 -9.96 22.85 12.67
CA ALA B 434 -11.41 22.83 12.53
C ALA B 434 -11.87 21.86 11.44
N GLU B 435 -11.17 21.83 10.31
CA GLU B 435 -11.53 20.90 9.26
C GLU B 435 -11.41 19.45 9.74
N SER B 436 -10.41 19.17 10.57
CA SER B 436 -10.32 17.82 11.13
C SER B 436 -11.46 17.53 12.10
N VAL B 437 -11.76 18.47 12.99
CA VAL B 437 -12.76 18.25 14.04
C VAL B 437 -14.18 18.22 13.49
N SER B 438 -14.42 18.76 12.30
CA SER B 438 -15.78 18.81 11.76
C SER B 438 -16.34 17.45 11.38
N GLN B 439 -15.53 16.38 11.38
CA GLN B 439 -15.97 15.07 10.91
C GLN B 439 -16.22 14.08 12.05
N ILE B 440 -16.32 14.55 13.28
CA ILE B 440 -16.50 13.67 14.44
C ILE B 440 -17.85 13.98 15.06
N PRO B 441 -18.39 13.07 15.86
CA PRO B 441 -19.69 13.30 16.50
C PRO B 441 -19.66 14.48 17.46
N GLU B 442 -20.85 14.86 17.93
CA GLU B 442 -21.02 16.09 18.68
C GLU B 442 -20.44 16.00 20.09
N ASP B 443 -20.64 14.87 20.77
CA ASP B 443 -20.12 14.71 22.12
C ASP B 443 -18.59 14.71 22.13
N LEU B 444 -17.99 13.99 21.17
CA LEU B 444 -16.54 14.03 21.03
C LEU B 444 -16.06 15.43 20.67
N ARG B 445 -16.85 16.19 19.91
CA ARG B 445 -16.51 17.57 19.62
C ARG B 445 -16.48 18.42 20.90
N GLN B 446 -17.49 18.23 21.77
CA GLN B 446 -17.52 18.96 23.02
C GLN B 446 -16.31 18.61 23.88
N LYS B 447 -15.95 17.32 23.92
CA LYS B 447 -14.77 16.90 24.65
C LYS B 447 -13.50 17.53 24.07
N VAL B 448 -13.43 17.64 22.74
CA VAL B 448 -12.28 18.27 22.10
C VAL B 448 -12.16 19.73 22.51
N TYR B 449 -13.28 20.46 22.49
CA TYR B 449 -13.24 21.86 22.89
C TYR B 449 -12.83 22.00 24.35
N LYS B 450 -13.36 21.15 25.22
CA LYS B 450 -12.99 21.20 26.64
C LYS B 450 -11.50 20.95 26.83
N THR B 451 -10.96 19.95 26.12
CA THR B 451 -9.54 19.66 26.23
C THR B 451 -8.68 20.80 25.69
N LEU B 452 -9.09 21.40 24.57
CA LEU B 452 -8.33 22.49 23.98
C LEU B 452 -8.34 23.72 24.87
N ALA B 453 -9.42 23.95 25.62
CA ALA B 453 -9.47 25.10 26.51
C ALA B 453 -8.43 25.04 27.62
N LEU B 454 -7.85 23.87 27.89
CA LEU B 454 -6.81 23.76 28.91
C LEU B 454 -5.49 24.35 28.45
N VAL B 455 -5.27 24.43 27.14
CA VAL B 455 -4.05 25.03 26.62
C VAL B 455 -4.19 26.54 26.53
N ALA B 456 -5.24 27.01 25.85
CA ALA B 456 -5.49 28.44 25.72
C ALA B 456 -6.97 28.64 25.43
N GLU B 457 -7.58 29.59 26.16
CA GLU B 457 -9.00 29.86 25.96
C GLU B 457 -9.29 30.39 24.57
N ASP B 458 -8.43 31.27 24.06
CA ASP B 458 -8.65 31.85 22.74
C ASP B 458 -8.57 30.80 21.64
N LEU B 459 -7.60 29.88 21.74
CA LEU B 459 -7.46 28.84 20.73
C LEU B 459 -8.71 27.97 20.66
N ALA B 460 -9.19 27.51 21.81
CA ALA B 460 -10.40 26.69 21.84
C ALA B 460 -11.61 27.47 21.34
N SER B 461 -11.74 28.74 21.75
CA SER B 461 -12.88 29.54 21.32
C SER B 461 -12.90 29.69 19.81
N ARG B 462 -11.76 30.03 19.21
CA ARG B 462 -11.71 30.20 17.77
C ARG B 462 -11.96 28.88 17.04
N VAL B 463 -11.36 27.79 17.51
CA VAL B 463 -11.55 26.51 16.84
C VAL B 463 -13.02 26.09 16.88
N GLU B 464 -13.67 26.26 18.04
CA GLU B 464 -15.09 25.89 18.13
C GLU B 464 -15.97 26.81 17.29
N SER B 465 -15.72 28.12 17.35
CA SER B 465 -16.54 29.06 16.59
C SER B 465 -16.40 28.86 15.09
N LEU B 466 -15.25 28.33 14.65
CA LEU B 466 -15.08 28.08 13.23
C LEU B 466 -15.51 26.67 12.82
N THR B 467 -15.49 25.71 13.75
CA THR B 467 -15.93 24.36 13.46
C THR B 467 -17.45 24.25 13.41
N GLU B 468 -18.14 24.99 14.29
CA GLU B 468 -19.60 24.88 14.32
C GLU B 468 -20.27 25.44 13.07
N GLU B 469 -19.55 26.16 12.23
CA GLU B 469 -20.09 26.64 10.96
C GLU B 469 -19.77 25.72 9.79
N MET B 470 -19.16 24.57 10.02
CA MET B 470 -18.79 23.66 8.96
C MET B 470 -19.40 22.27 9.11
N VAL B 471 -20.42 22.11 9.93
CA VAL B 471 -21.11 20.84 10.04
C VAL B 471 -22.54 20.97 9.54
CHA HEM C . -5.84 -13.48 -7.27
CHB HEM C . -2.63 -16.14 -9.76
CHC HEM C . -5.07 -15.44 -13.88
CHD HEM C . -8.47 -13.10 -11.33
C1A HEM C . -4.75 -14.27 -7.57
C2A HEM C . -3.75 -14.76 -6.65
C3A HEM C . -2.87 -15.49 -7.35
C4A HEM C . -3.28 -15.50 -8.73
CMA HEM C . -1.64 -16.21 -6.77
CAA HEM C . -3.69 -14.51 -5.13
CBA HEM C . -4.82 -15.26 -4.45
CGA HEM C . -4.49 -15.54 -3.00
O1A HEM C . -3.30 -15.36 -2.60
O2A HEM C . -5.40 -15.96 -2.24
C1B HEM C . -3.03 -16.24 -11.08
C2B HEM C . -2.42 -17.06 -12.09
C3B HEM C . -3.09 -16.89 -13.24
C4B HEM C . -4.15 -15.93 -12.98
CMB HEM C . -1.21 -17.99 -11.80
CAB HEM C . -2.87 -17.53 -14.63
CBB HEM C . -1.92 -18.43 -14.92
C1C HEM C . -6.29 -14.90 -13.52
C2C HEM C . -7.53 -14.95 -14.27
C3C HEM C . -8.46 -14.29 -13.55
C4C HEM C . -7.84 -13.82 -12.33
CMC HEM C . -7.69 -15.63 -15.64
CAC HEM C . -9.96 -14.03 -13.84
CBC HEM C . -10.69 -14.65 -14.78
C1D HEM C . -8.06 -12.99 -10.02
C2D HEM C . -8.80 -12.35 -8.96
C3D HEM C . -8.08 -12.44 -7.84
C4D HEM C . -6.86 -13.16 -8.15
CMD HEM C . -10.17 -11.66 -9.10
CAD HEM C . -8.50 -11.88 -6.47
CBD HEM C . -8.84 -13.05 -5.55
CGD HEM C . -9.08 -12.53 -4.16
O1D HEM C . -8.67 -13.22 -3.19
O2D HEM C . -9.66 -11.43 -4.02
NA HEM C . -4.43 -14.75 -8.84
NB HEM C . -4.08 -15.55 -11.65
NC HEM C . -6.51 -14.21 -12.34
ND HEM C . -6.88 -13.48 -9.50
FE HEM C . -5.60 -14.70 -10.54
CHA HEM D . 10.17 1.89 12.71
CHB HEM D . 8.46 0.56 17.06
CHC HEM D . 8.93 5.08 18.75
CHD HEM D . 10.96 6.31 14.53
C1A HEM D . 9.67 1.12 13.74
C2A HEM D . 9.41 -0.31 13.72
C3A HEM D . 8.94 -0.66 14.92
C4A HEM D . 8.89 0.52 15.76
CMA HEM D . 8.53 -2.08 15.35
CAA HEM D . 9.62 -1.28 12.54
CBA HEM D . 11.12 -1.43 12.27
CGA HEM D . 11.40 -2.73 11.57
O1A HEM D . 10.49 -3.58 11.48
O2A HEM D . 12.56 -2.90 11.10
C1B HEM D . 8.49 1.65 17.91
C2B HEM D . 8.21 1.62 19.34
C3B HEM D . 8.34 2.86 19.82
C4B HEM D . 8.70 3.72 18.70
CMB HEM D . 7.84 0.31 20.08
CAB HEM D . 8.15 3.40 21.26
CBB HEM D . 7.83 2.65 22.32
C1C HEM D . 9.67 5.77 17.80
C2C HEM D . 10.47 6.95 18.01
C3C HEM D . 11.02 7.29 16.82
C4C HEM D . 10.60 6.31 15.85
CMC HEM D . 10.61 7.68 19.37
CAC HEM D . 11.98 8.45 16.45
CBC HEM D . 12.65 9.22 17.32
C1D HEM D . 10.92 5.23 13.66
C2D HEM D . 11.41 5.22 12.30
C3D HEM D . 11.20 4.01 11.80
C4D HEM D . 10.56 3.20 12.82
CMD HEM D . 12.08 6.41 11.57
CAD HEM D . 11.58 3.56 10.37
CBD HEM D . 12.77 2.60 10.45
CGD HEM D . 13.04 2.03 9.09
O1D HEM D . 12.94 2.79 8.10
O2D HEM D . 13.37 0.83 9.01
NA HEM D . 9.34 1.59 15.00
NB HEM D . 8.79 2.94 17.56
NC HEM D . 9.78 5.40 16.47
ND HEM D . 10.41 3.99 13.94
FE HEM D . 9.80 3.42 15.82
#